data_8FXQ
#
_entry.id   8FXQ
#
_cell.length_a   69.873
_cell.length_b   71.696
_cell.length_c   120.736
_cell.angle_alpha   90.000
_cell.angle_beta   90.000
_cell.angle_gamma   90.000
#
_symmetry.space_group_name_H-M   'P 21 21 21'
#
loop_
_entity.id
_entity.type
_entity.pdbx_description
1 polymer Rhizopuspepsin
2 polymer ALA-CYS-VAL-LYS
3 non-polymer 'SODIUM ION'
4 non-polymer CYCLOHEXANE
5 water water
#
loop_
_entity_poly.entity_id
_entity_poly.type
_entity_poly.pdbx_seq_one_letter_code
_entity_poly.pdbx_strand_id
1 'polypeptide(L)'
;IVPDAGVGTVPMTDYGNDIEYYGQVTIGTPGKKFNLDFDTGSSDLWIASTLCTNCGSRQTKYDPNQSSTYQADGRTWSIS
YGDGSSASGILAKDNVNLGGLLIKGQTIELAKREAASFANGPNDGLLGLGFDTITTVRGVKTPMDNLISQGLISRPIFGV
YLGKASNGGGGEYIFGGYDSTKFKGSLTTVPIDNSRGWWGITVDRATVGTSTVASSFDGILDTGTTLLILPNNVAASVAR
AYGASDNGDGTYTISCDTSRFKPLVFSINGASFQVSPDSLVFEEYQGQCIAGFGYGNFDFAIIGDTFLKNNYVVFNQGVP
EVQIAPVAE
;
A,B
2 'polypeptide(L)' ACVK W,Y
#
loop_
_chem_comp.id
_chem_comp.type
_chem_comp.name
_chem_comp.formula
CHX non-polymer CYCLOHEXANE 'C6 H12'
NA non-polymer 'SODIUM ION' 'Na 1'
#
# COMPACT_ATOMS: atom_id res chain seq x y z
N GLY A 6 3.53 -21.11 18.55
CA GLY A 6 4.74 -21.30 17.77
C GLY A 6 4.55 -20.99 16.29
N VAL A 7 3.64 -20.07 15.97
CA VAL A 7 3.29 -19.73 14.59
C VAL A 7 3.17 -18.22 14.45
N GLY A 8 3.85 -17.65 13.47
CA GLY A 8 3.77 -16.22 13.18
C GLY A 8 3.03 -16.01 11.87
N THR A 9 2.06 -15.13 11.89
CA THR A 9 1.27 -14.81 10.70
C THR A 9 1.57 -13.39 10.22
N VAL A 10 1.91 -13.25 8.95
CA VAL A 10 2.21 -11.92 8.40
C VAL A 10 1.31 -11.68 7.20
N PRO A 11 0.28 -10.85 7.32
CA PRO A 11 -0.48 -10.43 6.14
C PRO A 11 0.38 -9.62 5.19
N MET A 12 0.25 -9.91 3.89
CA MET A 12 1.07 -9.25 2.87
C MET A 12 0.29 -8.22 2.09
N THR A 13 1.02 -7.26 1.53
CA THR A 13 0.46 -6.29 0.60
C THR A 13 1.01 -6.59 -0.79
N ASP A 14 0.12 -6.66 -1.76
CA ASP A 14 0.49 -6.87 -3.16
C ASP A 14 0.71 -5.50 -3.78
N TYR A 15 1.94 -5.20 -4.20
CA TYR A 15 2.24 -3.92 -4.83
C TYR A 15 1.82 -3.92 -6.30
N GLY A 16 0.85 -3.07 -6.66
CA GLY A 16 0.46 -2.95 -8.04
C GLY A 16 -0.05 -4.25 -8.64
N ASN A 17 0.31 -4.46 -9.91
CA ASN A 17 -0.17 -5.63 -10.65
C ASN A 17 0.70 -6.87 -10.40
N ASP A 18 0.74 -7.30 -9.13
CA ASP A 18 1.51 -8.50 -8.73
C ASP A 18 3.01 -8.31 -8.94
N ILE A 19 3.52 -7.11 -8.63
CA ILE A 19 4.93 -6.82 -8.81
C ILE A 19 5.79 -7.45 -7.71
N GLU A 20 5.37 -7.27 -6.46
CA GLU A 20 6.07 -7.83 -5.30
C GLU A 20 5.06 -7.88 -4.15
N TYR A 21 5.47 -8.54 -3.08
CA TYR A 21 4.61 -8.75 -1.91
C TYR A 21 5.42 -8.44 -0.68
N TYR A 22 4.97 -7.47 0.10
CA TYR A 22 5.68 -7.03 1.28
C TYR A 22 4.82 -7.16 2.54
N GLY A 23 5.52 -7.30 3.66
CA GLY A 23 4.84 -7.45 4.93
C GLY A 23 5.53 -6.62 5.99
N GLN A 24 4.80 -6.37 7.08
CA GLN A 24 5.32 -5.55 8.16
C GLN A 24 6.14 -6.40 9.11
N VAL A 25 7.28 -5.86 9.54
CA VAL A 25 8.20 -6.49 10.48
C VAL A 25 8.56 -5.40 11.48
N THR A 26 8.48 -5.71 12.77
CA THR A 26 8.82 -4.73 13.81
C THR A 26 10.23 -4.97 14.32
N ILE A 27 11.08 -3.96 14.28
CA ILE A 27 12.49 -4.09 14.62
C ILE A 27 12.85 -3.13 15.74
N GLY A 28 13.43 -3.65 16.80
CA GLY A 28 13.90 -2.84 17.92
C GLY A 28 12.93 -2.81 19.08
N THR A 29 13.35 -2.03 20.08
CA THR A 29 12.61 -1.91 21.35
C THR A 29 12.55 -0.43 21.68
N PRO A 30 11.36 0.19 21.75
CA PRO A 30 10.04 -0.43 21.61
C PRO A 30 9.71 -0.92 20.19
N GLY A 31 10.45 -0.47 19.20
CA GLY A 31 10.22 -1.08 17.88
C GLY A 31 9.64 -0.10 16.87
N LYS A 32 10.19 -0.13 15.66
CA LYS A 32 9.60 0.54 14.52
C LYS A 32 9.11 -0.50 13.52
N LYS A 33 8.01 -0.19 12.86
CA LYS A 33 7.38 -1.11 11.90
C LYS A 33 7.88 -0.79 10.50
N PHE A 34 8.40 -1.82 9.83
CA PHE A 34 9.01 -1.72 8.52
C PHE A 34 8.26 -2.59 7.53
N ASN A 35 8.06 -2.08 6.31
CA ASN A 35 7.49 -2.87 5.23
C ASN A 35 8.62 -3.48 4.41
N LEU A 36 8.75 -4.80 4.43
CA LEU A 36 9.87 -5.45 3.78
C LEU A 36 9.37 -6.37 2.69
N ASP A 37 10.03 -6.34 1.55
CA ASP A 37 9.77 -7.32 0.47
C ASP A 37 10.28 -8.68 0.93
N PHE A 38 9.43 -9.70 0.97
CA PHE A 38 9.84 -11.02 1.44
C PHE A 38 10.40 -11.81 0.25
N ASP A 39 11.68 -12.18 0.33
CA ASP A 39 12.45 -12.58 -0.84
C ASP A 39 13.13 -13.94 -0.63
N THR A 40 12.58 -15.01 -1.19
CA THR A 40 13.27 -16.31 -1.07
C THR A 40 14.46 -16.40 -1.99
N GLY A 41 14.74 -15.36 -2.77
CA GLY A 41 15.92 -15.34 -3.62
C GLY A 41 17.16 -14.66 -3.05
N SER A 42 17.11 -14.21 -1.80
CA SER A 42 18.27 -13.60 -1.16
C SER A 42 18.18 -13.84 0.34
N SER A 43 19.25 -13.44 1.05
CA SER A 43 19.34 -13.88 2.43
C SER A 43 19.83 -12.79 3.38
N ASP A 44 19.60 -11.54 3.02
CA ASP A 44 19.96 -10.39 3.85
C ASP A 44 18.69 -9.69 4.30
N LEU A 45 18.63 -9.33 5.57
CA LEU A 45 17.55 -8.49 6.11
C LEU A 45 18.14 -7.09 6.22
N TRP A 46 17.77 -6.23 5.28
CA TRP A 46 18.28 -4.87 5.32
C TRP A 46 17.13 -3.88 5.37
N ILE A 47 17.39 -2.73 6.01
CA ILE A 47 16.39 -1.68 6.19
C ILE A 47 17.00 -0.31 5.98
N ALA A 48 16.19 0.60 5.46
CA ALA A 48 16.54 2.02 5.45
C ALA A 48 16.83 2.48 6.88
N SER A 49 17.78 3.38 7.03
CA SER A 49 18.20 3.80 8.36
C SER A 49 18.55 5.29 8.34
N THR A 50 18.74 5.83 9.54
CA THR A 50 19.14 7.23 9.66
C THR A 50 20.58 7.46 9.22
N LEU A 51 21.34 6.41 8.92
CA LEU A 51 22.65 6.58 8.30
C LEU A 51 22.56 6.75 6.79
N CYS A 52 21.37 6.64 6.22
CA CYS A 52 21.27 6.61 4.78
C CYS A 52 21.37 8.01 4.20
N THR A 53 22.13 8.13 3.12
CA THR A 53 22.38 9.40 2.45
C THR A 53 21.58 9.57 1.17
N ASN A 54 20.82 8.55 0.74
CA ASN A 54 20.05 8.68 -0.49
C ASN A 54 18.72 7.94 -0.43
N CYS A 55 18.17 7.77 0.75
CA CYS A 55 16.93 7.00 0.90
C CYS A 55 15.72 7.88 0.59
N GLY A 56 14.51 7.29 0.65
CA GLY A 56 13.29 7.97 0.24
C GLY A 56 12.53 8.57 1.43
N SER A 57 11.92 9.72 1.19
CA SER A 57 11.16 10.37 2.26
C SER A 57 9.97 9.55 2.73
N ARG A 58 9.45 8.61 1.94
CA ARG A 58 8.31 7.79 2.36
C ARG A 58 8.75 6.60 3.22
N GLN A 59 10.05 6.30 3.30
CA GLN A 59 10.51 5.11 4.01
C GLN A 59 10.60 5.34 5.51
N THR A 60 10.27 4.32 6.29
CA THR A 60 10.59 4.30 7.71
C THR A 60 12.08 4.00 7.87
N LYS A 61 12.75 4.74 8.74
CA LYS A 61 14.19 4.63 8.91
C LYS A 61 14.54 4.14 10.31
N TYR A 62 15.33 3.07 10.38
CA TYR A 62 15.84 2.60 11.67
C TYR A 62 16.88 3.55 12.22
N ASP A 63 16.71 3.93 13.50
CA ASP A 63 17.67 4.77 14.23
C ASP A 63 18.25 3.98 15.39
N PRO A 64 19.54 3.65 15.35
CA PRO A 64 20.13 2.90 16.49
C PRO A 64 19.86 3.53 17.84
N ASN A 65 19.91 4.86 17.93
CA ASN A 65 19.70 5.55 19.20
C ASN A 65 18.28 5.39 19.75
N GLN A 66 17.32 5.03 18.90
CA GLN A 66 15.95 4.87 19.36
C GLN A 66 15.58 3.44 19.67
N SER A 67 16.54 2.52 19.76
CA SER A 67 16.22 1.15 20.18
C SER A 67 17.07 0.76 21.38
N SER A 68 16.40 0.37 22.46
CA SER A 68 17.06 -0.07 23.69
C SER A 68 17.84 -1.36 23.51
N THR A 69 17.53 -2.13 22.47
CA THR A 69 18.18 -3.42 22.29
C THR A 69 19.10 -3.45 21.07
N TYR A 70 19.41 -2.28 20.48
CA TYR A 70 20.41 -2.20 19.43
C TYR A 70 21.75 -2.73 19.94
N GLN A 71 22.38 -3.58 19.14
CA GLN A 71 23.73 -4.03 19.43
C GLN A 71 24.63 -3.63 18.27
N ALA A 72 25.73 -2.96 18.56
CA ALA A 72 26.63 -2.54 17.49
C ALA A 72 27.33 -3.73 16.86
N ASP A 73 27.62 -3.61 15.57
CA ASP A 73 28.44 -4.58 14.86
C ASP A 73 29.42 -3.78 14.01
N GLY A 74 28.93 -3.09 12.99
CA GLY A 74 29.72 -2.13 12.25
C GLY A 74 30.37 -2.65 11.00
N ARG A 75 30.37 -3.96 10.77
CA ARG A 75 30.99 -4.47 9.55
C ARG A 75 30.15 -4.02 8.35
N THR A 76 30.83 -3.80 7.23
CA THR A 76 30.12 -3.36 6.04
C THR A 76 29.41 -4.52 5.33
N TRP A 77 28.31 -4.20 4.67
CA TRP A 77 27.60 -5.15 3.83
C TRP A 77 27.21 -4.42 2.56
N SER A 78 27.02 -5.18 1.49
CA SER A 78 26.62 -4.60 0.23
C SER A 78 25.96 -5.69 -0.59
N ILE A 79 24.83 -5.38 -1.23
CA ILE A 79 24.09 -6.37 -2.00
C ILE A 79 23.74 -5.79 -3.36
N SER A 80 23.75 -6.63 -4.38
CA SER A 80 23.28 -6.25 -5.70
C SER A 80 22.31 -7.32 -6.16
N TYR A 81 21.16 -6.91 -6.67
CA TYR A 81 20.11 -7.84 -7.08
C TYR A 81 20.10 -7.99 -8.60
N GLY A 82 19.42 -9.05 -9.07
CA GLY A 82 19.39 -9.33 -10.50
C GLY A 82 18.79 -8.25 -11.35
N ASP A 83 17.90 -7.44 -10.79
CA ASP A 83 17.25 -6.36 -11.55
C ASP A 83 18.04 -5.04 -11.55
N GLY A 84 19.24 -5.06 -10.98
CA GLY A 84 20.12 -3.92 -10.97
C GLY A 84 19.98 -3.05 -9.75
N SER A 85 19.00 -3.32 -8.88
CA SER A 85 18.89 -2.61 -7.63
C SER A 85 19.97 -3.10 -6.64
N SER A 86 20.16 -2.34 -5.57
CA SER A 86 21.28 -2.58 -4.69
C SER A 86 21.04 -1.78 -3.41
N ALA A 87 21.84 -2.09 -2.39
CA ALA A 87 21.87 -1.35 -1.14
C ALA A 87 23.17 -1.72 -0.43
N SER A 88 23.58 -0.91 0.54
CA SER A 88 24.79 -1.22 1.30
C SER A 88 24.78 -0.40 2.57
N GLY A 89 25.64 -0.76 3.50
CA GLY A 89 25.71 -0.05 4.76
C GLY A 89 26.51 -0.82 5.80
N ILE A 90 26.04 -0.82 7.05
CA ILE A 90 26.76 -1.49 8.14
C ILE A 90 25.81 -2.42 8.88
N LEU A 91 26.38 -3.47 9.46
CA LEU A 91 25.62 -4.44 10.23
C LEU A 91 25.32 -3.93 11.64
N ALA A 92 24.26 -4.49 12.22
CA ALA A 92 23.95 -4.36 13.63
C ALA A 92 23.16 -5.60 14.03
N LYS A 93 22.79 -5.68 15.30
CA LYS A 93 21.84 -6.68 15.74
C LYS A 93 20.72 -5.99 16.49
N ASP A 94 19.50 -6.54 16.36
CA ASP A 94 18.36 -6.07 17.14
C ASP A 94 17.28 -7.14 17.12
N ASN A 95 16.29 -6.95 17.98
CA ASN A 95 15.17 -7.87 18.03
C ASN A 95 14.25 -7.60 16.85
N VAL A 96 13.72 -8.68 16.26
CA VAL A 96 12.89 -8.61 15.05
C VAL A 96 11.64 -9.43 15.32
N ASN A 97 10.48 -8.77 15.32
CA ASN A 97 9.20 -9.41 15.56
C ASN A 97 8.57 -9.71 14.21
N LEU A 98 8.42 -11.00 13.92
CA LEU A 98 7.92 -11.49 12.64
C LEU A 98 6.61 -12.20 12.92
N GLY A 99 5.50 -11.50 12.65
CA GLY A 99 4.19 -12.06 12.82
C GLY A 99 3.89 -12.46 14.24
N GLY A 100 4.55 -11.84 15.22
CA GLY A 100 4.37 -12.14 16.62
C GLY A 100 5.51 -12.97 17.21
N LEU A 101 6.41 -13.50 16.40
CA LEU A 101 7.52 -14.28 16.89
C LEU A 101 8.70 -13.35 17.11
N LEU A 102 9.23 -13.28 18.34
CA LEU A 102 10.25 -12.29 18.65
C LEU A 102 11.63 -12.93 18.60
N ILE A 103 12.29 -12.77 17.45
CA ILE A 103 13.69 -13.17 17.25
C ILE A 103 14.55 -12.20 18.06
N LYS A 104 15.38 -12.75 18.94
CA LYS A 104 16.29 -11.93 19.75
C LYS A 104 17.62 -11.80 19.04
N GLY A 105 18.12 -10.58 18.93
CA GLY A 105 19.46 -10.38 18.39
C GLY A 105 19.67 -10.87 16.97
N GLN A 106 18.71 -10.58 16.09
CA GLN A 106 18.87 -10.85 14.67
C GLN A 106 19.88 -9.86 14.06
N THR A 107 20.79 -10.36 13.22
CA THR A 107 21.62 -9.45 12.44
C THR A 107 20.76 -8.72 11.44
N ILE A 108 20.77 -7.38 11.54
CA ILE A 108 20.05 -6.51 10.62
C ILE A 108 21.10 -5.66 9.91
N GLU A 109 20.75 -5.18 8.74
CA GLU A 109 21.71 -4.53 7.85
C GLU A 109 21.19 -3.13 7.59
N LEU A 110 21.85 -2.15 8.21
CA LEU A 110 21.40 -0.75 8.14
C LEU A 110 21.91 -0.10 6.86
N ALA A 111 20.99 0.42 6.04
CA ALA A 111 21.41 1.03 4.79
C ALA A 111 22.06 2.40 5.01
N LYS A 112 23.25 2.55 4.43
CA LYS A 112 23.80 3.87 4.18
C LYS A 112 23.48 4.35 2.78
N ARG A 113 23.22 3.43 1.85
CA ARG A 113 22.93 3.78 0.46
C ARG A 113 21.91 2.78 -0.04
N GLU A 114 21.06 3.20 -0.97
CA GLU A 114 20.18 2.28 -1.67
C GLU A 114 19.96 2.80 -3.07
N ALA A 115 19.68 1.90 -4.01
CA ALA A 115 19.39 2.33 -5.36
C ALA A 115 18.14 3.20 -5.40
N ALA A 116 18.08 4.04 -6.42
CA ALA A 116 16.97 4.97 -6.55
C ALA A 116 15.64 4.23 -6.63
N SER A 117 15.63 3.02 -7.17
CA SER A 117 14.40 2.25 -7.26
C SER A 117 13.85 1.91 -5.88
N PHE A 118 14.72 1.70 -4.89
CA PHE A 118 14.23 1.48 -3.53
C PHE A 118 13.74 2.79 -2.91
N ALA A 119 14.41 3.90 -3.23
CA ALA A 119 13.99 5.19 -2.68
C ALA A 119 12.66 5.64 -3.22
N ASN A 120 12.23 5.12 -4.37
CA ASN A 120 10.97 5.51 -4.99
C ASN A 120 9.93 4.40 -4.95
N GLY A 121 10.20 3.32 -4.20
CA GLY A 121 9.30 2.19 -4.18
C GLY A 121 8.54 2.05 -2.88
N PRO A 122 7.84 0.93 -2.72
CA PRO A 122 7.01 0.70 -1.54
C PRO A 122 7.74 0.08 -0.34
N ASN A 123 9.00 -0.27 -0.48
CA ASN A 123 9.74 -1.07 0.51
C ASN A 123 10.55 -0.18 1.42
N ASP A 124 10.66 -0.56 2.68
CA ASP A 124 11.70 -0.06 3.56
C ASP A 124 12.95 -0.94 3.54
N GLY A 125 12.93 -2.01 2.76
CA GLY A 125 14.03 -2.96 2.75
C GLY A 125 13.52 -4.32 2.35
N LEU A 126 14.37 -5.33 2.58
CA LEU A 126 14.07 -6.71 2.20
C LEU A 126 14.21 -7.63 3.40
N LEU A 127 13.43 -8.70 3.40
CA LEU A 127 13.59 -9.81 4.32
C LEU A 127 14.03 -11.01 3.49
N GLY A 128 15.25 -11.47 3.71
CA GLY A 128 15.80 -12.56 2.91
C GLY A 128 15.42 -13.92 3.49
N LEU A 129 14.86 -14.76 2.63
CA LEU A 129 14.37 -16.09 3.02
C LEU A 129 15.07 -17.19 2.25
N GLY A 130 16.16 -16.87 1.55
CA GLY A 130 17.05 -17.88 1.01
C GLY A 130 17.89 -18.50 2.12
N PHE A 131 18.86 -19.32 1.69
CA PHE A 131 19.71 -20.04 2.63
C PHE A 131 20.91 -19.17 3.04
N ASP A 132 21.48 -19.48 4.21
CA ASP A 132 22.46 -18.57 4.79
C ASP A 132 23.81 -18.63 4.10
N THR A 133 24.00 -19.53 3.14
CA THR A 133 25.27 -19.60 2.42
C THR A 133 25.45 -18.47 1.42
N ILE A 134 24.44 -17.63 1.18
CA ILE A 134 24.57 -16.49 0.27
C ILE A 134 24.31 -15.16 0.97
N THR A 135 24.35 -15.12 2.31
CA THR A 135 24.34 -13.81 2.98
C THR A 135 25.55 -13.02 2.49
N THR A 136 25.41 -11.70 2.33
CA THR A 136 26.52 -10.97 1.73
C THR A 136 27.72 -10.87 2.67
N VAL A 137 27.52 -11.00 3.97
CA VAL A 137 28.61 -11.10 4.94
C VAL A 137 28.59 -12.54 5.41
N ARG A 138 29.71 -13.24 5.27
CA ARG A 138 29.72 -14.66 5.56
C ARG A 138 29.52 -14.92 7.05
N GLY A 139 28.67 -15.89 7.35
CA GLY A 139 28.36 -16.31 8.69
C GLY A 139 27.18 -15.62 9.34
N VAL A 140 26.57 -14.66 8.66
CA VAL A 140 25.35 -14.03 9.19
C VAL A 140 24.25 -15.09 9.25
N LYS A 141 23.54 -15.14 10.38
CA LYS A 141 22.44 -16.10 10.54
C LYS A 141 21.14 -15.42 10.14
N THR A 142 20.36 -16.09 9.30
CA THR A 142 19.14 -15.52 8.73
C THR A 142 18.00 -15.60 9.73
N PRO A 143 16.90 -14.88 9.46
CA PRO A 143 15.73 -15.00 10.34
C PRO A 143 15.23 -16.42 10.50
N MET A 144 15.17 -17.22 9.44
CA MET A 144 14.72 -18.60 9.62
C MET A 144 15.74 -19.42 10.42
N ASP A 145 17.03 -19.21 10.18
CA ASP A 145 18.05 -19.88 11.03
C ASP A 145 17.72 -19.63 12.48
N ASN A 146 17.43 -18.37 12.81
CA ASN A 146 17.23 -17.99 14.22
C ASN A 146 15.88 -18.44 14.76
N LEU A 147 14.82 -18.40 13.95
CA LEU A 147 13.55 -18.91 14.41
C LEU A 147 13.70 -20.37 14.81
N ILE A 148 14.49 -21.11 14.04
CA ILE A 148 14.74 -22.53 14.34
C ILE A 148 15.65 -22.68 15.56
N SER A 149 16.80 -22.01 15.56
CA SER A 149 17.78 -22.22 16.64
C SER A 149 17.31 -21.67 17.98
N GLN A 150 16.44 -20.64 17.99
CA GLN A 150 15.87 -20.11 19.22
C GLN A 150 14.60 -20.84 19.65
N GLY A 151 14.16 -21.83 18.90
CA GLY A 151 12.98 -22.59 19.27
C GLY A 151 11.69 -21.79 19.22
N LEU A 152 11.63 -20.77 18.36
CA LEU A 152 10.45 -19.95 18.21
C LEU A 152 9.41 -20.60 17.32
N ILE A 153 9.84 -21.48 16.43
CA ILE A 153 8.97 -22.35 15.66
C ILE A 153 9.43 -23.78 15.87
N SER A 154 8.48 -24.70 15.91
CA SER A 154 8.79 -26.11 16.01
C SER A 154 9.09 -26.69 14.63
N ARG A 155 8.14 -26.53 13.69
CA ARG A 155 8.34 -26.93 12.31
C ARG A 155 9.22 -25.91 11.60
N PRO A 156 10.31 -26.31 10.96
CA PRO A 156 11.24 -25.37 10.32
C PRO A 156 10.75 -24.97 8.93
N ILE A 157 9.55 -24.39 8.89
CA ILE A 157 8.84 -24.16 7.63
C ILE A 157 8.20 -22.78 7.66
N PHE A 158 7.90 -22.28 6.46
CA PHE A 158 6.99 -21.15 6.29
C PHE A 158 6.11 -21.40 5.08
N GLY A 159 4.82 -21.13 5.24
CA GLY A 159 3.84 -21.28 4.17
C GLY A 159 3.54 -19.96 3.50
N VAL A 160 3.44 -19.98 2.17
CA VAL A 160 3.42 -18.74 1.37
C VAL A 160 2.21 -18.75 0.43
N TYR A 161 1.30 -17.81 0.66
CA TYR A 161 0.21 -17.47 -0.27
C TYR A 161 0.46 -16.06 -0.80
N LEU A 162 0.54 -15.92 -2.12
CA LEU A 162 0.63 -14.62 -2.79
C LEU A 162 -0.70 -14.41 -3.50
N GLY A 163 -1.38 -13.30 -3.19
CA GLY A 163 -2.66 -13.00 -3.85
C GLY A 163 -2.47 -12.50 -5.28
N LYS A 164 -3.59 -12.36 -5.98
CA LYS A 164 -3.63 -11.76 -7.31
C LYS A 164 -4.35 -10.43 -7.21
N ALA A 165 -3.73 -9.38 -7.75
CA ALA A 165 -4.37 -8.06 -7.75
C ALA A 165 -5.77 -8.10 -8.35
N SER A 166 -5.98 -8.95 -9.34
CA SER A 166 -7.31 -9.08 -9.93
C SER A 166 -8.34 -9.60 -8.94
N ASN A 167 -7.93 -10.23 -7.83
CA ASN A 167 -8.81 -10.71 -6.78
C ASN A 167 -8.76 -9.85 -5.53
N GLY A 168 -8.16 -8.67 -5.60
CA GLY A 168 -8.01 -7.82 -4.45
C GLY A 168 -6.65 -7.88 -3.78
N GLY A 169 -5.72 -8.66 -4.32
CA GLY A 169 -4.34 -8.60 -3.84
C GLY A 169 -4.10 -9.40 -2.58
N GLY A 170 -3.29 -8.83 -1.70
CA GLY A 170 -3.00 -9.51 -0.45
C GLY A 170 -2.03 -10.67 -0.62
N GLY A 171 -2.01 -11.49 0.41
CA GLY A 171 -1.10 -12.62 0.56
C GLY A 171 -0.87 -12.85 2.03
N GLU A 172 -0.14 -13.92 2.35
CA GLU A 172 0.06 -14.27 3.75
C GLU A 172 1.22 -15.23 3.88
N TYR A 173 2.14 -14.93 4.78
CA TYR A 173 3.19 -15.87 5.17
C TYR A 173 2.86 -16.38 6.57
N ILE A 174 3.02 -17.68 6.77
CA ILE A 174 2.93 -18.29 8.11
C ILE A 174 4.28 -18.88 8.42
N PHE A 175 4.95 -18.36 9.44
CA PHE A 175 6.21 -18.92 9.89
C PHE A 175 5.92 -19.98 10.94
N GLY A 176 6.39 -21.20 10.70
CA GLY A 176 6.14 -22.31 11.59
C GLY A 176 4.89 -23.10 11.28
N GLY A 177 4.21 -22.81 10.20
CA GLY A 177 3.00 -23.52 9.84
C GLY A 177 2.59 -23.15 8.44
N TYR A 178 1.35 -23.51 8.09
CA TYR A 178 0.80 -23.16 6.79
C TYR A 178 -0.70 -23.10 6.90
N ASP A 179 -1.34 -22.56 5.85
CA ASP A 179 -2.76 -22.23 5.87
C ASP A 179 -3.47 -23.04 4.80
N SER A 180 -4.12 -24.13 5.21
CA SER A 180 -4.79 -25.01 4.26
C SER A 180 -5.99 -24.35 3.61
N THR A 181 -6.49 -23.23 4.14
CA THR A 181 -7.61 -22.60 3.44
C THR A 181 -7.17 -21.93 2.14
N LYS A 182 -5.86 -21.86 1.90
CA LYS A 182 -5.33 -21.14 0.76
C LYS A 182 -5.00 -22.03 -0.43
N PHE A 183 -5.15 -23.35 -0.31
CA PHE A 183 -4.77 -24.22 -1.41
C PHE A 183 -5.78 -25.36 -1.57
N LYS A 184 -5.72 -25.99 -2.74
CA LYS A 184 -6.64 -27.06 -3.15
C LYS A 184 -5.94 -28.40 -3.06
N GLY A 185 -6.67 -29.42 -2.65
CA GLY A 185 -6.12 -30.75 -2.68
C GLY A 185 -5.00 -30.93 -1.66
N SER A 186 -4.19 -31.94 -1.92
CA SER A 186 -3.12 -32.32 -1.02
C SER A 186 -1.79 -31.70 -1.46
N LEU A 187 -0.96 -31.36 -0.47
CA LEU A 187 0.38 -30.86 -0.76
C LEU A 187 1.23 -31.96 -1.35
N THR A 188 2.04 -31.63 -2.35
CA THR A 188 3.03 -32.53 -2.93
C THR A 188 4.42 -32.11 -2.48
N THR A 189 5.16 -33.03 -1.87
CA THR A 189 6.55 -32.80 -1.48
C THR A 189 7.46 -32.83 -2.71
N VAL A 190 8.41 -31.88 -2.75
CA VAL A 190 9.36 -31.72 -3.84
C VAL A 190 10.74 -31.50 -3.22
N PRO A 191 11.77 -32.27 -3.57
CA PRO A 191 13.10 -32.05 -2.99
C PRO A 191 13.71 -30.74 -3.45
N ILE A 192 14.54 -30.16 -2.60
CA ILE A 192 15.18 -28.87 -2.85
C ILE A 192 16.69 -29.07 -2.95
N ASP A 193 17.28 -28.42 -3.96
CA ASP A 193 18.72 -28.29 -4.09
C ASP A 193 19.08 -26.89 -3.59
N ASN A 194 19.70 -26.83 -2.42
CA ASN A 194 20.11 -25.55 -1.83
C ASN A 194 21.58 -25.23 -2.06
N SER A 195 22.22 -25.86 -3.04
CA SER A 195 23.67 -25.76 -3.18
C SER A 195 24.15 -24.39 -3.64
N ARG A 196 23.31 -23.56 -4.25
CA ARG A 196 23.68 -22.20 -4.61
C ARG A 196 22.97 -21.17 -3.74
N GLY A 197 22.43 -21.60 -2.61
CA GLY A 197 21.80 -20.70 -1.68
C GLY A 197 20.31 -20.47 -1.90
N TRP A 198 19.74 -21.09 -2.93
CA TRP A 198 18.39 -20.83 -3.38
C TRP A 198 17.53 -22.07 -3.22
N TRP A 199 16.23 -21.88 -3.42
CA TRP A 199 15.26 -22.97 -3.31
C TRP A 199 15.16 -23.65 -4.68
N GLY A 200 16.14 -24.51 -4.96
CA GLY A 200 16.29 -25.07 -6.30
C GLY A 200 15.46 -26.33 -6.51
N ILE A 201 14.76 -26.40 -7.64
CA ILE A 201 13.95 -27.55 -7.99
C ILE A 201 14.25 -27.94 -9.42
N THR A 202 13.77 -29.13 -9.79
CA THR A 202 13.79 -29.58 -11.18
C THR A 202 12.36 -29.66 -11.70
N VAL A 203 12.13 -29.07 -12.87
CA VAL A 203 10.88 -29.21 -13.61
C VAL A 203 11.14 -30.27 -14.67
N ASP A 204 10.44 -31.40 -14.57
CA ASP A 204 10.66 -32.52 -15.47
C ASP A 204 10.23 -32.23 -16.92
N ARG A 205 9.21 -31.41 -17.10
CA ARG A 205 8.61 -31.16 -18.39
C ARG A 205 7.67 -29.97 -18.24
N ALA A 206 7.50 -29.21 -19.31
CA ALA A 206 6.50 -28.17 -19.38
C ALA A 206 5.64 -28.39 -20.61
N THR A 207 4.35 -28.15 -20.49
CA THR A 207 3.41 -28.39 -21.56
C THR A 207 2.43 -27.24 -21.68
N VAL A 208 1.91 -27.04 -22.90
CA VAL A 208 0.77 -26.18 -23.16
C VAL A 208 -0.21 -27.04 -23.96
N GLY A 209 -1.38 -27.30 -23.38
CA GLY A 209 -2.21 -28.33 -23.98
C GLY A 209 -1.51 -29.66 -24.04
N THR A 210 -1.62 -30.33 -25.18
CA THR A 210 -0.94 -31.60 -25.36
C THR A 210 0.51 -31.45 -25.80
N SER A 211 0.97 -30.23 -26.09
N SER A 211 0.97 -30.23 -26.07
CA SER A 211 2.31 -30.02 -26.64
CA SER A 211 2.31 -30.01 -26.64
C SER A 211 3.34 -29.84 -25.54
C SER A 211 3.34 -29.82 -25.54
N THR A 212 4.46 -30.55 -25.64
CA THR A 212 5.62 -30.29 -24.80
C THR A 212 6.32 -29.03 -25.30
N VAL A 213 6.54 -28.08 -24.38
CA VAL A 213 7.30 -26.88 -24.70
C VAL A 213 8.66 -26.87 -24.05
N ALA A 214 8.95 -27.77 -23.12
CA ALA A 214 10.29 -27.86 -22.58
C ALA A 214 10.49 -29.25 -22.01
N SER A 215 11.69 -29.78 -22.21
CA SER A 215 12.13 -30.95 -21.46
C SER A 215 12.64 -30.47 -20.12
N SER A 216 13.39 -31.31 -19.41
CA SER A 216 13.81 -31.01 -18.05
C SER A 216 14.62 -29.73 -17.98
N PHE A 217 14.37 -28.93 -16.95
CA PHE A 217 15.20 -27.76 -16.65
C PHE A 217 15.12 -27.51 -15.16
N ASP A 218 16.15 -26.86 -14.61
CA ASP A 218 16.17 -26.51 -13.20
C ASP A 218 15.70 -25.08 -13.01
N GLY A 219 15.24 -24.80 -11.79
CA GLY A 219 14.78 -23.45 -11.51
C GLY A 219 14.84 -23.20 -10.01
N ILE A 220 14.63 -21.93 -9.65
CA ILE A 220 14.59 -21.56 -8.23
C ILE A 220 13.25 -20.94 -7.92
N LEU A 221 12.69 -21.30 -6.77
CA LEU A 221 11.43 -20.72 -6.31
C LEU A 221 11.74 -19.39 -5.63
N ASP A 222 11.36 -18.27 -6.26
CA ASP A 222 11.82 -16.94 -5.85
C ASP A 222 10.64 -15.99 -5.71
N THR A 223 10.21 -15.78 -4.48
CA THR A 223 9.11 -14.86 -4.21
C THR A 223 9.46 -13.43 -4.55
N GLY A 224 10.75 -13.10 -4.59
CA GLY A 224 11.22 -11.77 -4.90
C GLY A 224 11.46 -11.45 -6.37
N THR A 225 11.03 -12.33 -7.28
CA THR A 225 11.04 -12.07 -8.71
C THR A 225 9.61 -12.02 -9.22
N THR A 226 9.29 -11.00 -10.04
CA THR A 226 7.91 -10.81 -10.50
C THR A 226 7.48 -11.87 -11.50
N LEU A 227 8.30 -12.12 -12.52
CA LEU A 227 7.90 -12.95 -13.64
C LEU A 227 8.36 -14.39 -13.45
N LEU A 228 7.91 -15.25 -14.36
CA LEU A 228 8.47 -16.58 -14.52
C LEU A 228 9.56 -16.40 -15.58
N ILE A 229 10.81 -16.36 -15.16
CA ILE A 229 11.94 -16.16 -16.08
C ILE A 229 12.50 -17.51 -16.46
N LEU A 230 12.54 -17.81 -17.75
CA LEU A 230 12.92 -19.13 -18.21
C LEU A 230 14.21 -19.05 -18.99
N PRO A 231 14.96 -20.15 -19.11
CA PRO A 231 16.08 -20.18 -20.06
C PRO A 231 15.59 -19.79 -21.45
N ASN A 232 16.49 -19.18 -22.23
CA ASN A 232 16.07 -18.54 -23.47
C ASN A 232 15.32 -19.50 -24.40
N ASN A 233 15.83 -20.73 -24.54
CA ASN A 233 15.18 -21.71 -25.40
C ASN A 233 13.81 -22.11 -24.87
N VAL A 234 13.70 -22.35 -23.55
CA VAL A 234 12.39 -22.62 -22.97
C VAL A 234 11.49 -21.42 -23.15
N ALA A 235 12.03 -20.22 -22.83
CA ALA A 235 11.27 -18.99 -22.98
C ALA A 235 10.77 -18.83 -24.41
N ALA A 236 11.65 -19.09 -25.39
CA ALA A 236 11.29 -18.91 -26.79
C ALA A 236 10.25 -19.94 -27.21
N SER A 237 10.37 -21.17 -26.71
CA SER A 237 9.40 -22.22 -27.01
C SER A 237 8.04 -21.90 -26.39
N VAL A 238 8.03 -21.42 -25.14
CA VAL A 238 6.77 -21.00 -24.54
C VAL A 238 6.18 -19.83 -25.32
N ALA A 239 7.02 -18.87 -25.71
CA ALA A 239 6.52 -17.75 -26.49
C ALA A 239 5.89 -18.22 -27.80
N ARG A 240 6.56 -19.14 -28.50
CA ARG A 240 6.01 -19.68 -29.74
C ARG A 240 4.67 -20.34 -29.49
N ALA A 241 4.54 -21.08 -28.38
CA ALA A 241 3.26 -21.73 -28.09
C ALA A 241 2.12 -20.74 -27.93
N TYR A 242 2.43 -19.51 -27.48
CA TYR A 242 1.39 -18.51 -27.24
C TYR A 242 1.38 -17.41 -28.31
N GLY A 243 2.23 -17.52 -29.34
CA GLY A 243 2.32 -16.48 -30.35
C GLY A 243 2.93 -15.18 -29.88
N ALA A 244 3.69 -15.20 -28.79
CA ALA A 244 4.25 -13.98 -28.22
C ALA A 244 5.50 -13.55 -28.98
N SER A 245 5.77 -12.24 -28.97
N SER A 245 5.76 -12.24 -28.97
CA SER A 245 6.88 -11.66 -29.74
CA SER A 245 6.88 -11.67 -29.71
C SER A 245 7.93 -11.09 -28.81
C SER A 245 7.94 -11.13 -28.76
N ASP A 246 9.20 -11.39 -29.09
CA ASP A 246 10.32 -10.96 -28.25
C ASP A 246 10.48 -9.43 -28.31
N ASN A 247 10.43 -8.77 -27.15
CA ASN A 247 10.63 -7.32 -27.06
C ASN A 247 12.10 -6.94 -27.02
N GLY A 248 13.01 -7.91 -27.02
CA GLY A 248 14.42 -7.66 -26.96
C GLY A 248 14.95 -7.33 -25.60
N ASP A 249 14.09 -7.19 -24.59
CA ASP A 249 14.52 -6.76 -23.27
C ASP A 249 14.27 -7.81 -22.18
N GLY A 250 14.18 -9.08 -22.55
CA GLY A 250 13.81 -10.10 -21.59
C GLY A 250 12.32 -10.31 -21.41
N THR A 251 11.49 -9.51 -22.07
CA THR A 251 10.05 -9.63 -22.01
C THR A 251 9.49 -9.90 -23.40
N TYR A 252 8.25 -10.36 -23.40
CA TYR A 252 7.50 -10.68 -24.62
C TYR A 252 6.21 -9.88 -24.62
N THR A 253 5.77 -9.51 -25.82
CA THR A 253 4.44 -9.01 -26.03
C THR A 253 3.53 -10.17 -26.37
N ILE A 254 2.34 -10.19 -25.78
CA ILE A 254 1.41 -11.29 -25.89
C ILE A 254 0.02 -10.70 -26.03
N SER A 255 -0.90 -11.46 -26.61
CA SER A 255 -2.27 -11.01 -26.72
C SER A 255 -2.85 -10.72 -25.35
N CYS A 256 -3.60 -9.62 -25.24
CA CYS A 256 -4.27 -9.27 -23.99
C CYS A 256 -5.47 -10.17 -23.70
N ASP A 257 -6.02 -10.82 -24.72
CA ASP A 257 -7.18 -11.70 -24.56
C ASP A 257 -6.65 -13.09 -24.27
N THR A 258 -6.74 -13.54 -23.02
CA THR A 258 -6.24 -14.86 -22.63
C THR A 258 -7.28 -15.97 -22.73
N SER A 259 -8.47 -15.67 -23.28
CA SER A 259 -9.58 -16.61 -23.26
C SER A 259 -9.31 -17.88 -24.07
N ARG A 260 -8.41 -17.83 -25.04
CA ARG A 260 -8.09 -19.02 -25.84
C ARG A 260 -6.71 -19.58 -25.53
N PHE A 261 -6.12 -19.20 -24.40
CA PHE A 261 -4.84 -19.74 -23.97
C PHE A 261 -5.09 -20.88 -22.98
N LYS A 262 -4.36 -21.98 -23.19
CA LYS A 262 -4.32 -23.06 -22.21
C LYS A 262 -3.26 -22.72 -21.15
N PRO A 263 -3.42 -23.24 -19.94
CA PRO A 263 -2.39 -23.00 -18.91
C PRO A 263 -1.04 -23.55 -19.31
N LEU A 264 0.01 -22.92 -18.77
CA LEU A 264 1.35 -23.46 -18.87
C LEU A 264 1.56 -24.39 -17.69
N VAL A 265 1.81 -25.68 -17.96
CA VAL A 265 1.81 -26.71 -16.93
C VAL A 265 3.24 -27.22 -16.73
N PHE A 266 3.71 -27.18 -15.50
CA PHE A 266 4.99 -27.77 -15.12
C PHE A 266 4.73 -29.12 -14.47
N SER A 267 5.48 -30.13 -14.90
CA SER A 267 5.47 -31.42 -14.20
C SER A 267 6.63 -31.43 -13.21
N ILE A 268 6.32 -31.53 -11.93
CA ILE A 268 7.32 -31.40 -10.89
C ILE A 268 7.12 -32.56 -9.94
N ASN A 269 8.14 -33.43 -9.84
CA ASN A 269 8.10 -34.61 -8.96
C ASN A 269 6.79 -35.41 -9.10
N GLY A 270 6.35 -35.61 -10.35
CA GLY A 270 5.18 -36.42 -10.66
C GLY A 270 3.82 -35.77 -10.47
N ALA A 271 3.76 -34.46 -10.21
CA ALA A 271 2.49 -33.76 -10.11
C ALA A 271 2.53 -32.51 -10.98
N SER A 272 1.36 -31.92 -11.24
CA SER A 272 1.24 -30.81 -12.18
C SER A 272 0.94 -29.52 -11.44
N PHE A 273 1.65 -28.46 -11.83
CA PHE A 273 1.49 -27.12 -11.26
C PHE A 273 1.52 -26.13 -12.40
N GLN A 274 0.56 -25.21 -12.43
CA GLN A 274 0.38 -24.39 -13.63
C GLN A 274 0.45 -22.90 -13.38
N VAL A 275 0.74 -22.17 -14.46
CA VAL A 275 0.43 -20.75 -14.56
C VAL A 275 -0.93 -20.68 -15.25
N SER A 276 -1.90 -20.07 -14.58
CA SER A 276 -3.23 -19.95 -15.13
C SER A 276 -3.25 -19.00 -16.33
N PRO A 277 -4.24 -19.15 -17.22
CA PRO A 277 -4.24 -18.31 -18.43
C PRO A 277 -4.26 -16.80 -18.15
N ASP A 278 -5.02 -16.34 -17.15
CA ASP A 278 -5.00 -14.92 -16.79
C ASP A 278 -3.59 -14.47 -16.40
N SER A 279 -2.81 -15.33 -15.77
CA SER A 279 -1.48 -14.94 -15.33
C SER A 279 -0.44 -14.94 -16.46
N LEU A 280 -0.81 -15.39 -17.67
CA LEU A 280 0.08 -15.31 -18.81
C LEU A 280 0.25 -13.86 -19.27
N VAL A 281 -0.64 -12.97 -18.83
CA VAL A 281 -0.46 -11.52 -19.01
C VAL A 281 -0.05 -10.93 -17.67
N PHE A 282 1.10 -10.28 -17.63
CA PHE A 282 1.56 -9.57 -16.43
C PHE A 282 1.05 -8.14 -16.39
N GLU A 283 1.13 -7.43 -17.50
CA GLU A 283 0.90 -5.99 -17.51
C GLU A 283 0.21 -5.61 -18.81
N GLU A 284 -0.69 -4.64 -18.74
CA GLU A 284 -1.25 -3.99 -19.92
C GLU A 284 -0.93 -2.50 -19.85
N TYR A 285 -0.38 -1.96 -20.94
CA TYR A 285 -0.06 -0.53 -21.02
C TYR A 285 -0.34 -0.07 -22.44
N GLN A 286 -1.23 0.93 -22.58
CA GLN A 286 -1.47 1.55 -23.89
C GLN A 286 -1.92 0.52 -24.92
N GLY A 287 -2.74 -0.44 -24.48
CA GLY A 287 -3.26 -1.46 -25.35
C GLY A 287 -2.34 -2.64 -25.63
N GLN A 288 -1.11 -2.63 -25.10
CA GLN A 288 -0.14 -3.69 -25.35
C GLN A 288 0.05 -4.47 -24.06
N CYS A 289 0.17 -5.81 -24.17
CA CYS A 289 0.34 -6.65 -22.99
C CYS A 289 1.70 -7.30 -22.99
N ILE A 290 2.32 -7.33 -21.80
CA ILE A 290 3.59 -7.99 -21.54
C ILE A 290 3.27 -9.32 -20.88
N ALA A 291 3.94 -10.37 -21.32
CA ALA A 291 3.68 -11.71 -20.83
C ALA A 291 4.20 -11.90 -19.40
N GLY A 292 3.60 -12.88 -18.73
CA GLY A 292 4.02 -13.25 -17.38
C GLY A 292 5.27 -14.08 -17.33
N PHE A 293 5.76 -14.54 -18.50
CA PHE A 293 7.03 -15.23 -18.62
C PHE A 293 8.00 -14.38 -19.41
N GLY A 294 9.28 -14.55 -19.12
CA GLY A 294 10.32 -13.79 -19.80
C GLY A 294 11.60 -14.59 -19.83
N TYR A 295 12.71 -13.95 -20.21
CA TYR A 295 14.03 -14.56 -20.26
C TYR A 295 15.04 -13.58 -19.70
N GLY A 296 16.24 -14.07 -19.41
CA GLY A 296 17.25 -13.19 -18.83
C GLY A 296 18.65 -13.74 -18.95
N ASN A 297 18.86 -14.64 -19.90
CA ASN A 297 20.17 -15.23 -20.16
C ASN A 297 20.66 -16.03 -18.95
N PHE A 298 19.74 -16.65 -18.23
CA PHE A 298 20.07 -17.55 -17.14
C PHE A 298 20.00 -19.00 -17.64
N ASP A 299 20.87 -19.85 -17.10
CA ASP A 299 20.84 -21.26 -17.46
C ASP A 299 19.75 -22.03 -16.72
N PHE A 300 19.12 -21.42 -15.73
CA PHE A 300 18.04 -22.03 -14.97
C PHE A 300 16.92 -21.01 -14.87
N ALA A 301 15.73 -21.51 -14.51
CA ALA A 301 14.55 -20.65 -14.42
C ALA A 301 14.50 -19.94 -13.07
N ILE A 302 13.99 -18.72 -13.09
CA ILE A 302 13.64 -18.01 -11.86
C ILE A 302 12.13 -18.09 -11.77
N ILE A 303 11.65 -18.99 -10.91
CA ILE A 303 10.22 -19.30 -10.83
C ILE A 303 9.61 -18.31 -9.85
N GLY A 304 9.19 -17.16 -10.40
CA GLY A 304 8.75 -16.03 -9.61
C GLY A 304 7.25 -15.94 -9.39
N ASP A 305 6.81 -14.70 -9.15
CA ASP A 305 5.43 -14.51 -8.70
C ASP A 305 4.39 -14.96 -9.72
N THR A 306 4.69 -14.89 -11.03
CA THR A 306 3.73 -15.40 -12.02
C THR A 306 3.27 -16.81 -11.68
N PHE A 307 4.22 -17.66 -11.26
CA PHE A 307 3.91 -19.03 -10.87
C PHE A 307 3.43 -19.11 -9.43
N LEU A 308 4.07 -18.39 -8.51
CA LEU A 308 3.78 -18.56 -7.10
C LEU A 308 2.38 -18.07 -6.75
N LYS A 309 1.88 -17.01 -7.43
CA LYS A 309 0.51 -16.59 -7.16
C LYS A 309 -0.53 -17.60 -7.64
N ASN A 310 -0.10 -18.69 -8.30
CA ASN A 310 -0.99 -19.76 -8.68
C ASN A 310 -0.73 -21.02 -7.88
N ASN A 311 0.32 -21.07 -7.05
CA ASN A 311 0.72 -22.29 -6.37
C ASN A 311 1.23 -21.95 -4.97
N TYR A 312 0.49 -22.38 -3.97
CA TYR A 312 0.91 -22.24 -2.58
C TYR A 312 2.15 -23.09 -2.35
N VAL A 313 3.14 -22.56 -1.63
CA VAL A 313 4.36 -23.30 -1.33
C VAL A 313 4.63 -23.25 0.17
N VAL A 314 4.90 -24.42 0.74
CA VAL A 314 5.44 -24.53 2.09
C VAL A 314 6.94 -24.76 1.94
N PHE A 315 7.73 -23.82 2.43
CA PHE A 315 9.18 -23.89 2.34
C PHE A 315 9.74 -24.51 3.62
N ASN A 316 10.50 -25.61 3.48
CA ASN A 316 11.10 -26.31 4.62
C ASN A 316 12.61 -26.20 4.53
N GLN A 317 13.18 -25.37 5.42
CA GLN A 317 14.61 -25.15 5.41
C GLN A 317 15.40 -26.34 6.00
N GLY A 318 14.78 -27.07 6.91
CA GLY A 318 15.51 -28.13 7.60
C GLY A 318 15.93 -29.28 6.69
N VAL A 319 15.05 -29.68 5.77
CA VAL A 319 15.35 -30.88 4.99
C VAL A 319 16.54 -30.73 4.04
N PRO A 320 16.53 -29.81 3.09
CA PRO A 320 15.46 -28.86 2.71
C PRO A 320 14.54 -29.49 1.67
N GLU A 321 13.28 -29.02 1.63
CA GLU A 321 12.30 -29.47 0.66
C GLU A 321 11.21 -28.40 0.60
N VAL A 322 10.31 -28.53 -0.37
CA VAL A 322 9.09 -27.74 -0.37
C VAL A 322 7.90 -28.67 -0.53
N GLN A 323 6.72 -28.14 -0.23
CA GLN A 323 5.45 -28.77 -0.58
C GLN A 323 4.64 -27.75 -1.36
N ILE A 324 4.01 -28.20 -2.43
CA ILE A 324 3.31 -27.31 -3.36
C ILE A 324 1.89 -27.81 -3.56
N ALA A 325 0.94 -26.89 -3.69
CA ALA A 325 -0.41 -27.24 -4.08
C ALA A 325 -0.99 -26.06 -4.84
N PRO A 326 -1.93 -26.28 -5.77
CA PRO A 326 -2.55 -25.16 -6.48
C PRO A 326 -3.31 -24.28 -5.50
N VAL A 327 -3.27 -22.96 -5.75
CA VAL A 327 -4.04 -22.03 -4.91
C VAL A 327 -5.54 -22.26 -5.06
N ALA A 328 -6.27 -21.95 -4.00
CA ALA A 328 -7.73 -21.98 -4.07
C ALA A 328 -8.16 -20.67 -4.71
N GLU A 329 -8.69 -20.76 -5.92
CA GLU A 329 -9.09 -19.55 -6.65
C GLU A 329 -10.13 -19.87 -7.70
N ILE B 1 -26.42 -11.69 -3.44
CA ILE B 1 -27.11 -11.93 -2.18
C ILE B 1 -27.06 -10.69 -1.31
N VAL B 2 -28.21 -10.06 -1.08
CA VAL B 2 -28.30 -8.79 -0.36
C VAL B 2 -27.80 -8.92 1.07
N PRO B 3 -26.75 -8.20 1.47
CA PRO B 3 -26.20 -8.35 2.83
C PRO B 3 -26.96 -7.47 3.82
N ASP B 4 -26.55 -7.54 5.09
CA ASP B 4 -27.22 -6.76 6.11
C ASP B 4 -26.85 -5.27 6.03
N ALA B 5 -27.60 -4.48 6.78
CA ALA B 5 -27.43 -3.05 7.01
C ALA B 5 -26.88 -2.85 8.41
N GLY B 6 -26.34 -1.66 8.65
CA GLY B 6 -25.92 -1.29 9.99
C GLY B 6 -24.62 -0.51 9.95
N VAL B 7 -23.47 -1.19 10.05
CA VAL B 7 -22.17 -0.55 9.89
C VAL B 7 -21.39 -1.21 8.77
N GLY B 8 -20.51 -0.41 8.15
CA GLY B 8 -19.54 -0.92 7.20
C GLY B 8 -18.18 -0.40 7.61
N THR B 9 -17.19 -1.26 7.65
CA THR B 9 -15.88 -0.89 8.16
C THR B 9 -14.83 -1.06 7.07
N VAL B 10 -14.00 -0.04 6.89
CA VAL B 10 -12.96 -0.04 5.87
C VAL B 10 -11.61 0.19 6.52
N PRO B 11 -10.76 -0.81 6.57
CA PRO B 11 -9.39 -0.58 7.05
C PRO B 11 -8.63 0.20 6.01
N MET B 12 -7.86 1.17 6.45
CA MET B 12 -7.18 2.08 5.55
C MET B 12 -5.68 1.82 5.44
N THR B 13 -5.12 2.23 4.31
CA THR B 13 -3.69 2.21 4.10
C THR B 13 -3.17 3.64 4.10
N ASP B 14 -2.15 3.90 4.90
CA ASP B 14 -1.44 5.18 4.93
C ASP B 14 -0.35 5.13 3.86
N TYR B 15 -0.43 6.01 2.87
CA TYR B 15 0.56 6.09 1.82
C TYR B 15 1.75 6.91 2.30
N GLY B 16 2.90 6.23 2.44
CA GLY B 16 4.12 6.94 2.76
C GLY B 16 4.05 7.66 4.10
N ASN B 17 4.66 8.83 4.17
CA ASN B 17 4.74 9.59 5.41
C ASN B 17 3.47 10.39 5.65
N ASP B 18 2.33 9.68 5.74
CA ASP B 18 1.02 10.34 6.02
C ASP B 18 0.59 11.27 4.88
N ILE B 19 0.79 10.82 3.64
CA ILE B 19 0.44 11.64 2.47
C ILE B 19 -1.05 11.60 2.23
N GLU B 20 -1.65 10.42 2.29
CA GLU B 20 -3.07 10.19 2.06
C GLU B 20 -3.44 8.83 2.63
N TYR B 21 -4.75 8.57 2.74
CA TYR B 21 -5.26 7.35 3.34
C TYR B 21 -6.32 6.78 2.42
N TYR B 22 -6.08 5.59 1.91
CA TYR B 22 -6.98 4.98 0.95
C TYR B 22 -7.53 3.65 1.48
N GLY B 23 -8.69 3.26 0.93
CA GLY B 23 -9.33 2.02 1.33
C GLY B 23 -9.86 1.27 0.12
N GLN B 24 -10.05 -0.03 0.31
CA GLN B 24 -10.55 -0.86 -0.77
C GLN B 24 -12.07 -0.81 -0.79
N VAL B 25 -12.62 -0.69 -1.99
CA VAL B 25 -14.06 -0.63 -2.24
C VAL B 25 -14.34 -1.53 -3.43
N THR B 26 -15.37 -2.36 -3.34
CA THR B 26 -15.69 -3.31 -4.42
C THR B 26 -16.82 -2.75 -5.26
N ILE B 27 -16.64 -2.69 -6.57
CA ILE B 27 -17.62 -2.07 -7.47
C ILE B 27 -18.01 -3.07 -8.53
N GLY B 28 -19.31 -3.31 -8.71
CA GLY B 28 -19.80 -4.16 -9.78
C GLY B 28 -20.15 -5.56 -9.31
N THR B 29 -20.59 -6.36 -10.29
CA THR B 29 -21.00 -7.75 -10.06
C THR B 29 -20.31 -8.59 -11.13
N PRO B 30 -19.46 -9.52 -10.76
CA PRO B 30 -19.16 -9.96 -9.38
C PRO B 30 -18.35 -8.93 -8.62
N GLY B 31 -17.74 -7.97 -9.29
CA GLY B 31 -17.08 -6.89 -8.56
C GLY B 31 -15.57 -6.93 -8.70
N LYS B 32 -14.98 -5.75 -8.81
CA LYS B 32 -13.55 -5.58 -8.74
C LYS B 32 -13.25 -4.68 -7.57
N LYS B 33 -12.05 -4.84 -7.01
CA LYS B 33 -11.65 -4.12 -5.83
C LYS B 33 -10.77 -2.95 -6.22
N PHE B 34 -11.15 -1.76 -5.76
CA PHE B 34 -10.47 -0.53 -6.08
C PHE B 34 -9.93 0.11 -4.82
N ASN B 35 -8.74 0.67 -4.93
CA ASN B 35 -8.13 1.45 -3.84
C ASN B 35 -8.50 2.91 -4.04
N LEU B 36 -9.35 3.45 -3.18
CA LEU B 36 -9.86 4.80 -3.35
C LEU B 36 -9.33 5.69 -2.23
N ASP B 37 -8.85 6.89 -2.57
CA ASP B 37 -8.52 7.90 -1.57
C ASP B 37 -9.83 8.45 -0.98
N PHE B 38 -10.01 8.35 0.34
CA PHE B 38 -11.26 8.79 0.97
C PHE B 38 -11.15 10.28 1.26
N ASP B 39 -12.00 11.08 0.62
CA ASP B 39 -11.78 12.52 0.53
C ASP B 39 -13.01 13.30 1.00
N THR B 40 -12.99 13.83 2.23
CA THR B 40 -14.11 14.66 2.66
C THR B 40 -14.11 16.04 2.01
N GLY B 41 -13.12 16.37 1.16
CA GLY B 41 -13.07 17.63 0.43
C GLY B 41 -13.63 17.61 -0.97
N SER B 42 -14.18 16.48 -1.42
CA SER B 42 -14.82 16.42 -2.74
C SER B 42 -15.96 15.39 -2.67
N SER B 43 -16.74 15.33 -3.75
CA SER B 43 -17.98 14.56 -3.70
C SER B 43 -18.21 13.69 -4.92
N ASP B 44 -17.16 13.33 -5.65
CA ASP B 44 -17.24 12.46 -6.82
C ASP B 44 -16.58 11.12 -6.52
N LEU B 45 -17.23 10.02 -6.88
CA LEU B 45 -16.60 8.70 -6.81
C LEU B 45 -16.17 8.35 -8.22
N TRP B 46 -14.87 8.49 -8.49
CA TRP B 46 -14.33 8.22 -9.81
C TRP B 46 -13.28 7.12 -9.70
N ILE B 47 -13.18 6.33 -10.78
CA ILE B 47 -12.25 5.20 -10.86
C ILE B 47 -11.64 5.09 -12.24
N ALA B 48 -10.38 4.67 -12.26
CA ALA B 48 -9.74 4.22 -13.49
C ALA B 48 -10.60 3.18 -14.19
N SER B 49 -10.59 3.19 -15.52
CA SER B 49 -11.47 2.30 -16.27
C SER B 49 -10.78 1.86 -17.54
N THR B 50 -11.38 0.88 -18.22
CA THR B 50 -10.87 0.44 -19.52
C THR B 50 -11.04 1.49 -20.60
N LEU B 51 -11.75 2.59 -20.34
CA LEU B 51 -11.79 3.74 -21.24
C LEU B 51 -10.63 4.70 -21.03
N CYS B 52 -9.81 4.47 -20.02
CA CYS B 52 -8.77 5.42 -19.68
C CYS B 52 -7.58 5.25 -20.62
N THR B 53 -7.06 6.35 -21.13
CA THR B 53 -5.96 6.28 -22.07
C THR B 53 -4.65 6.86 -21.55
N ASN B 54 -4.60 7.34 -20.30
CA ASN B 54 -3.33 7.75 -19.70
C ASN B 54 -3.20 7.28 -18.27
N CYS B 55 -3.82 6.15 -17.97
CA CYS B 55 -3.75 5.59 -16.64
C CYS B 55 -2.50 4.76 -16.47
N GLY B 56 -2.22 4.33 -15.24
CA GLY B 56 -1.04 3.57 -14.95
C GLY B 56 -1.30 2.08 -14.94
N SER B 57 -0.31 1.30 -15.34
N SER B 57 -0.28 1.32 -15.31
CA SER B 57 -0.50 -0.15 -15.41
CA SER B 57 -0.40 -0.14 -15.38
C SER B 57 -0.66 -0.81 -14.02
C SER B 57 -0.75 -0.75 -14.03
N ARG B 58 -0.33 -0.12 -12.93
CA ARG B 58 -0.60 -0.68 -11.60
C ARG B 58 -2.05 -0.52 -11.18
N GLN B 59 -2.81 0.33 -11.86
CA GLN B 59 -4.17 0.61 -11.39
C GLN B 59 -5.14 -0.49 -11.81
N THR B 60 -6.09 -0.78 -10.92
CA THR B 60 -7.22 -1.62 -11.30
C THR B 60 -8.22 -0.79 -12.12
N LYS B 61 -8.71 -1.38 -13.21
CA LYS B 61 -9.56 -0.67 -14.17
C LYS B 61 -10.95 -1.29 -14.25
N TYR B 62 -11.96 -0.46 -14.01
CA TYR B 62 -13.34 -0.89 -14.18
C TYR B 62 -13.64 -1.14 -15.64
N ASP B 63 -14.26 -2.29 -15.93
CA ASP B 63 -14.64 -2.67 -17.29
C ASP B 63 -16.15 -2.85 -17.31
N PRO B 64 -16.89 -1.99 -18.01
CA PRO B 64 -18.36 -2.14 -18.00
C PRO B 64 -18.83 -3.51 -18.44
N ASN B 65 -18.13 -4.15 -19.37
CA ASN B 65 -18.59 -5.42 -19.90
C ASN B 65 -18.48 -6.52 -18.88
N GLN B 66 -17.65 -6.34 -17.86
CA GLN B 66 -17.43 -7.35 -16.84
C GLN B 66 -18.28 -7.14 -15.59
N SER B 67 -19.25 -6.23 -15.59
CA SER B 67 -20.17 -6.11 -14.47
C SER B 67 -21.61 -6.26 -14.96
N SER B 68 -22.31 -7.25 -14.43
CA SER B 68 -23.68 -7.48 -14.86
C SER B 68 -24.63 -6.43 -14.32
N THR B 69 -24.20 -5.62 -13.35
CA THR B 69 -25.03 -4.56 -12.80
C THR B 69 -24.63 -3.17 -13.31
N TYR B 70 -23.72 -3.09 -14.27
CA TYR B 70 -23.43 -1.82 -14.93
C TYR B 70 -24.70 -1.26 -15.59
N GLN B 71 -24.96 0.03 -15.37
CA GLN B 71 -26.00 0.74 -16.10
C GLN B 71 -25.35 1.92 -16.80
N ALA B 72 -25.59 2.02 -18.10
CA ALA B 72 -25.05 3.15 -18.85
C ALA B 72 -25.65 4.47 -18.38
N ASP B 73 -24.85 5.52 -18.45
CA ASP B 73 -25.33 6.89 -18.24
C ASP B 73 -24.75 7.71 -19.38
N GLY B 74 -23.45 7.87 -19.39
CA GLY B 74 -22.76 8.42 -20.52
C GLY B 74 -22.50 9.92 -20.47
N ARG B 75 -23.13 10.64 -19.53
CA ARG B 75 -22.85 12.06 -19.43
C ARG B 75 -21.38 12.26 -19.03
N THR B 76 -20.79 13.33 -19.52
CA THR B 76 -19.40 13.61 -19.18
C THR B 76 -19.29 14.19 -17.78
N TRP B 77 -18.13 13.98 -17.17
CA TRP B 77 -17.76 14.62 -15.92
C TRP B 77 -16.29 15.01 -16.04
N SER B 78 -15.90 16.03 -15.29
N SER B 78 -15.88 16.00 -15.23
CA SER B 78 -14.51 16.41 -15.15
CA SER B 78 -14.50 16.45 -15.19
C SER B 78 -14.34 17.05 -13.77
C SER B 78 -14.26 17.19 -13.88
N ILE B 79 -13.15 16.86 -13.20
CA ILE B 79 -12.86 17.40 -11.88
C ILE B 79 -11.42 17.91 -11.86
N SER B 80 -11.21 18.99 -11.11
CA SER B 80 -9.90 19.55 -10.86
C SER B 80 -9.80 19.74 -9.36
N TYR B 81 -8.69 19.31 -8.76
CA TYR B 81 -8.47 19.43 -7.33
C TYR B 81 -7.54 20.58 -7.00
N GLY B 82 -7.54 20.97 -5.72
CA GLY B 82 -6.72 22.11 -5.31
C GLY B 82 -5.24 21.94 -5.55
N ASP B 83 -4.76 20.69 -5.57
CA ASP B 83 -3.34 20.44 -5.80
C ASP B 83 -2.99 20.40 -7.30
N GLY B 84 -3.95 20.66 -8.19
CA GLY B 84 -3.68 20.64 -9.61
C GLY B 84 -3.96 19.34 -10.29
N SER B 85 -4.16 18.26 -9.54
CA SER B 85 -4.55 16.99 -10.15
C SER B 85 -5.97 17.08 -10.71
N SER B 86 -6.32 16.12 -11.57
CA SER B 86 -7.56 16.21 -12.34
C SER B 86 -7.87 14.82 -12.87
N ALA B 87 -9.12 14.64 -13.26
CA ALA B 87 -9.55 13.46 -14.00
C ALA B 87 -10.84 13.81 -14.73
N SER B 88 -11.19 13.00 -15.73
CA SER B 88 -12.43 13.23 -16.45
C SER B 88 -12.87 11.94 -17.14
N GLY B 89 -14.13 11.91 -17.55
CA GLY B 89 -14.64 10.75 -18.26
C GLY B 89 -16.14 10.79 -18.43
N ILE B 90 -16.80 9.63 -18.29
CA ILE B 90 -18.24 9.54 -18.44
C ILE B 90 -18.83 8.86 -17.20
N LEU B 91 -20.10 9.15 -16.95
CA LEU B 91 -20.82 8.60 -15.83
C LEU B 91 -21.39 7.20 -16.15
N ALA B 92 -21.65 6.45 -15.07
CA ALA B 92 -22.33 5.16 -15.12
C ALA B 92 -22.96 4.94 -13.76
N LYS B 93 -23.72 3.86 -13.63
CA LYS B 93 -24.18 3.42 -12.31
C LYS B 93 -23.77 1.97 -12.07
N ASP B 94 -23.45 1.63 -10.84
CA ASP B 94 -23.21 0.24 -10.50
C ASP B 94 -23.30 0.10 -8.99
N ASN B 95 -23.33 -1.13 -8.51
CA ASN B 95 -23.32 -1.38 -7.08
C ASN B 95 -21.94 -1.14 -6.51
N VAL B 96 -21.90 -0.53 -5.33
CA VAL B 96 -20.66 -0.18 -4.65
C VAL B 96 -20.74 -0.75 -3.24
N ASN B 97 -19.81 -1.62 -2.91
CA ASN B 97 -19.74 -2.26 -1.60
C ASN B 97 -18.72 -1.53 -0.76
N LEU B 98 -19.22 -0.78 0.20
CA LEU B 98 -18.41 0.07 1.06
C LEU B 98 -18.39 -0.55 2.46
N GLY B 99 -17.29 -1.20 2.78
CA GLY B 99 -17.13 -1.78 4.09
C GLY B 99 -18.07 -2.93 4.38
N GLY B 100 -18.66 -3.54 3.35
CA GLY B 100 -19.66 -4.58 3.50
C GLY B 100 -21.09 -4.12 3.25
N LEU B 101 -21.33 -2.82 3.17
CA LEU B 101 -22.65 -2.29 2.90
C LEU B 101 -22.79 -2.08 1.40
N LEU B 102 -23.82 -2.66 0.81
CA LEU B 102 -23.95 -2.73 -0.65
C LEU B 102 -24.88 -1.63 -1.13
N ILE B 103 -24.30 -0.51 -1.56
CA ILE B 103 -25.06 0.55 -2.19
C ILE B 103 -25.49 0.06 -3.56
N LYS B 104 -26.80 0.08 -3.83
CA LYS B 104 -27.31 -0.31 -5.14
C LYS B 104 -27.37 0.89 -6.09
N GLY B 105 -26.83 0.73 -7.30
CA GLY B 105 -27.01 1.77 -8.30
C GLY B 105 -26.38 3.10 -7.96
N GLN B 106 -25.18 3.08 -7.39
CA GLN B 106 -24.42 4.30 -7.14
C GLN B 106 -23.90 4.89 -8.45
N THR B 107 -24.02 6.21 -8.63
CA THR B 107 -23.37 6.83 -9.76
C THR B 107 -21.87 6.79 -9.56
N ILE B 108 -21.18 6.14 -10.50
CA ILE B 108 -19.74 6.07 -10.51
C ILE B 108 -19.22 6.80 -11.74
N GLU B 109 -17.98 7.24 -11.69
CA GLU B 109 -17.47 8.13 -12.71
C GLU B 109 -16.26 7.46 -13.33
N LEU B 110 -16.41 6.99 -14.56
CA LEU B 110 -15.37 6.19 -15.21
C LEU B 110 -14.38 7.14 -15.87
N ALA B 111 -13.10 7.03 -15.49
CA ALA B 111 -12.08 7.90 -16.04
C ALA B 111 -11.71 7.50 -17.45
N LYS B 112 -11.71 8.49 -18.34
CA LYS B 112 -11.07 8.42 -19.65
C LYS B 112 -9.68 9.02 -19.59
N ARG B 113 -9.44 9.96 -18.67
CA ARG B 113 -8.13 10.56 -18.51
C ARG B 113 -7.95 10.91 -17.04
N GLU B 114 -6.69 10.88 -16.59
CA GLU B 114 -6.32 11.32 -15.25
C GLU B 114 -4.96 12.00 -15.31
N ALA B 115 -4.71 12.90 -14.36
CA ALA B 115 -3.42 13.56 -14.28
C ALA B 115 -2.33 12.54 -13.99
N ALA B 116 -1.11 12.87 -14.42
CA ALA B 116 0.03 12.01 -14.15
C ALA B 116 0.17 11.70 -12.67
N SER B 117 -0.18 12.65 -11.80
CA SER B 117 -0.03 12.39 -10.37
C SER B 117 -0.96 11.27 -9.90
N PHE B 118 -2.10 11.08 -10.56
CA PHE B 118 -2.92 9.92 -10.24
C PHE B 118 -2.34 8.64 -10.83
N ALA B 119 -1.83 8.71 -12.07
CA ALA B 119 -1.21 7.53 -12.66
C ALA B 119 0.01 7.08 -11.86
N ASN B 120 0.67 8.01 -11.17
CA ASN B 120 1.88 7.70 -10.40
C ASN B 120 1.60 7.28 -8.97
N GLY B 121 0.39 7.52 -8.48
CA GLY B 121 0.08 7.34 -7.08
C GLY B 121 -0.45 5.96 -6.77
N PRO B 122 -0.91 5.77 -5.54
CA PRO B 122 -1.37 4.45 -5.08
C PRO B 122 -2.86 4.19 -5.26
N ASN B 123 -3.60 5.13 -5.83
CA ASN B 123 -5.06 5.10 -5.88
C ASN B 123 -5.53 4.63 -7.25
N ASP B 124 -6.66 3.98 -7.26
CA ASP B 124 -7.42 3.73 -8.47
C ASP B 124 -8.49 4.79 -8.70
N GLY B 125 -8.60 5.77 -7.81
CA GLY B 125 -9.59 6.82 -7.91
C GLY B 125 -9.85 7.40 -6.53
N LEU B 126 -10.99 8.13 -6.44
CA LEU B 126 -11.37 8.81 -5.20
C LEU B 126 -12.77 8.39 -4.76
N LEU B 127 -12.99 8.40 -3.45
CA LEU B 127 -14.31 8.30 -2.83
C LEU B 127 -14.60 9.65 -2.20
N GLY B 128 -15.58 10.36 -2.72
CA GLY B 128 -15.91 11.70 -2.26
C GLY B 128 -16.89 11.65 -1.10
N LEU B 129 -16.51 12.26 0.03
CA LEU B 129 -17.30 12.26 1.24
C LEU B 129 -17.69 13.67 1.66
N GLY B 130 -17.54 14.63 0.75
CA GLY B 130 -18.14 15.95 0.91
C GLY B 130 -19.63 15.89 0.65
N PHE B 131 -20.24 17.06 0.60
CA PHE B 131 -21.69 17.13 0.41
C PHE B 131 -22.06 17.15 -1.08
N ASP B 132 -23.32 16.78 -1.37
CA ASP B 132 -23.67 16.54 -2.77
C ASP B 132 -23.86 17.81 -3.57
N THR B 133 -23.72 18.98 -2.96
CA THR B 133 -23.85 20.22 -3.71
C THR B 133 -22.61 20.58 -4.50
N ILE B 134 -21.53 19.79 -4.37
CA ILE B 134 -20.33 20.02 -5.17
C ILE B 134 -19.95 18.83 -6.04
N THR B 135 -20.83 17.86 -6.25
CA THR B 135 -20.56 16.87 -7.29
C THR B 135 -20.36 17.60 -8.61
N THR B 136 -19.51 17.07 -9.47
CA THR B 136 -19.22 17.83 -10.68
C THR B 136 -20.40 17.83 -11.66
N VAL B 137 -21.32 16.89 -11.53
CA VAL B 137 -22.53 16.85 -12.33
C VAL B 137 -23.71 17.01 -11.39
N ARG B 138 -24.61 17.93 -11.71
CA ARG B 138 -25.74 18.20 -10.82
C ARG B 138 -26.66 17.00 -10.68
N GLY B 139 -27.18 16.80 -9.47
CA GLY B 139 -28.11 15.73 -9.21
C GLY B 139 -27.49 14.39 -8.89
N VAL B 140 -26.16 14.27 -8.97
CA VAL B 140 -25.50 13.02 -8.59
C VAL B 140 -25.58 12.81 -7.09
N LYS B 141 -26.08 11.66 -6.67
CA LYS B 141 -26.20 11.37 -5.25
C LYS B 141 -24.92 10.68 -4.79
N THR B 142 -24.39 11.12 -3.66
CA THR B 142 -23.12 10.63 -3.18
C THR B 142 -23.29 9.30 -2.45
N PRO B 143 -22.18 8.59 -2.19
CA PRO B 143 -22.26 7.35 -1.40
C PRO B 143 -22.95 7.55 -0.06
N MET B 144 -22.61 8.62 0.69
N MET B 144 -22.63 8.62 0.69
CA MET B 144 -23.28 8.83 1.96
CA MET B 144 -23.29 8.78 1.97
C MET B 144 -24.76 9.13 1.78
C MET B 144 -24.77 9.13 1.79
N ASP B 145 -25.11 9.93 0.76
CA ASP B 145 -26.53 10.17 0.46
C ASP B 145 -27.25 8.83 0.33
N ASN B 146 -26.64 7.90 -0.42
CA ASN B 146 -27.31 6.62 -0.69
C ASN B 146 -27.27 5.65 0.48
N LEU B 147 -26.20 5.66 1.29
CA LEU B 147 -26.21 4.86 2.51
C LEU B 147 -27.38 5.26 3.39
N ILE B 148 -27.63 6.56 3.49
CA ILE B 148 -28.76 7.05 4.29
C ILE B 148 -30.09 6.70 3.62
N SER B 149 -30.26 7.07 2.33
CA SER B 149 -31.56 6.90 1.69
C SER B 149 -31.94 5.44 1.49
N GLN B 150 -30.95 4.55 1.28
CA GLN B 150 -31.22 3.13 1.15
C GLN B 150 -31.31 2.43 2.51
N GLY B 151 -31.20 3.18 3.61
CA GLY B 151 -31.32 2.60 4.93
C GLY B 151 -30.21 1.63 5.29
N LEU B 152 -29.06 1.77 4.67
CA LEU B 152 -27.94 0.86 4.93
C LEU B 152 -27.20 1.21 6.20
N ILE B 153 -27.31 2.44 6.65
CA ILE B 153 -26.88 2.93 7.94
C ILE B 153 -28.09 3.61 8.55
N SER B 154 -28.24 3.46 9.85
CA SER B 154 -29.23 4.14 10.64
C SER B 154 -28.65 5.32 11.41
N ARG B 155 -27.38 5.24 11.83
CA ARG B 155 -26.69 6.41 12.33
C ARG B 155 -26.06 7.09 11.12
N PRO B 156 -26.40 8.35 10.79
CA PRO B 156 -26.00 8.98 9.52
C PRO B 156 -24.60 9.58 9.61
N ILE B 157 -23.65 8.72 10.00
CA ILE B 157 -22.31 9.17 10.41
C ILE B 157 -21.26 8.29 9.78
N PHE B 158 -20.03 8.79 9.83
CA PHE B 158 -18.89 7.89 9.63
C PHE B 158 -17.78 8.34 10.57
N GLY B 159 -17.21 7.38 11.30
CA GLY B 159 -16.10 7.65 12.22
C GLY B 159 -14.76 7.41 11.54
N VAL B 160 -13.81 8.33 11.76
CA VAL B 160 -12.58 8.36 10.98
C VAL B 160 -11.37 8.37 11.90
N TYR B 161 -10.57 7.31 11.83
CA TYR B 161 -9.24 7.22 12.44
C TYR B 161 -8.20 7.17 11.32
N LEU B 162 -7.23 8.09 11.35
CA LEU B 162 -6.11 8.07 10.43
C LEU B 162 -4.85 7.81 11.26
N GLY B 163 -4.13 6.73 10.95
CA GLY B 163 -2.90 6.41 11.66
C GLY B 163 -1.74 7.33 11.32
N LYS B 164 -0.69 7.24 12.14
CA LYS B 164 0.58 7.87 11.84
C LYS B 164 1.54 6.81 11.33
N ALA B 165 2.19 7.10 10.20
CA ALA B 165 3.18 6.17 9.68
C ALA B 165 4.24 5.81 10.71
N SER B 166 4.61 6.75 11.58
CA SER B 166 5.60 6.45 12.61
C SER B 166 5.14 5.39 13.60
N ASN B 167 3.83 5.11 13.66
CA ASN B 167 3.27 4.05 14.52
C ASN B 167 2.77 2.83 13.74
N GLY B 168 3.11 2.70 12.47
CA GLY B 168 2.63 1.61 11.65
C GLY B 168 1.57 2.01 10.67
N GLY B 169 1.15 3.28 10.65
CA GLY B 169 0.21 3.70 9.62
C GLY B 169 -1.20 3.19 9.89
N GLY B 170 -1.86 2.81 8.82
CA GLY B 170 -3.22 2.33 8.91
C GLY B 170 -4.23 3.42 9.18
N GLY B 171 -5.39 3.00 9.65
CA GLY B 171 -6.54 3.86 9.81
C GLY B 171 -7.79 3.04 9.60
N GLU B 172 -8.94 3.67 9.88
CA GLU B 172 -10.20 2.95 9.74
C GLU B 172 -11.34 3.91 9.64
N TYR B 173 -12.20 3.72 8.63
CA TYR B 173 -13.49 4.40 8.53
C TYR B 173 -14.59 3.41 8.94
N ILE B 174 -15.52 3.87 9.77
CA ILE B 174 -16.71 3.09 10.10
C ILE B 174 -17.92 3.87 9.64
N PHE B 175 -18.61 3.37 8.61
CA PHE B 175 -19.82 4.00 8.11
C PHE B 175 -20.98 3.49 8.95
N GLY B 176 -21.68 4.43 9.59
CA GLY B 176 -22.80 4.10 10.45
C GLY B 176 -22.44 3.86 11.90
N GLY B 177 -21.19 4.12 12.30
CA GLY B 177 -20.74 3.87 13.66
C GLY B 177 -19.43 4.60 13.91
N TYR B 178 -18.81 4.30 15.06
CA TYR B 178 -17.51 4.88 15.40
C TYR B 178 -16.86 4.00 16.46
N ASP B 179 -15.59 4.31 16.75
CA ASP B 179 -14.74 3.42 17.52
C ASP B 179 -14.08 4.21 18.65
N SER B 180 -14.63 4.12 19.85
CA SER B 180 -14.06 4.88 20.95
C SER B 180 -12.69 4.36 21.41
N THR B 181 -12.22 3.22 20.93
CA THR B 181 -10.82 2.86 21.23
C THR B 181 -9.83 3.73 20.49
N LYS B 182 -10.30 4.50 19.53
CA LYS B 182 -9.39 5.29 18.72
C LYS B 182 -9.27 6.72 19.23
N PHE B 183 -9.91 7.07 20.34
CA PHE B 183 -9.78 8.41 20.89
C PHE B 183 -9.74 8.39 22.40
N LYS B 184 -9.28 9.51 22.96
CA LYS B 184 -9.12 9.72 24.39
C LYS B 184 -10.23 10.62 24.89
N GLY B 185 -10.78 10.28 26.06
CA GLY B 185 -11.75 11.19 26.66
C GLY B 185 -13.08 11.21 25.93
N SER B 186 -13.76 12.34 26.02
CA SER B 186 -15.10 12.48 25.46
C SER B 186 -15.06 13.24 24.14
N LEU B 187 -16.02 12.93 23.28
CA LEU B 187 -16.19 13.64 22.03
C LEU B 187 -16.86 14.99 22.26
N THR B 188 -16.44 15.98 21.49
CA THR B 188 -17.04 17.30 21.50
C THR B 188 -17.79 17.52 20.21
N THR B 189 -19.06 17.89 20.31
CA THR B 189 -19.84 18.21 19.12
C THR B 189 -19.52 19.60 18.62
N VAL B 190 -19.38 19.72 17.30
CA VAL B 190 -19.01 20.98 16.62
C VAL B 190 -19.98 21.14 15.47
N PRO B 191 -20.68 22.27 15.37
CA PRO B 191 -21.60 22.47 14.24
C PRO B 191 -20.84 22.63 12.94
N ILE B 192 -21.49 22.21 11.85
CA ILE B 192 -20.89 22.25 10.52
C ILE B 192 -21.66 23.21 9.62
N ASP B 193 -20.89 24.00 8.85
CA ASP B 193 -21.41 24.81 7.76
C ASP B 193 -21.11 24.05 6.47
N ASN B 194 -22.15 23.50 5.85
CA ASN B 194 -22.00 22.75 4.60
C ASN B 194 -22.35 23.57 3.38
N SER B 195 -22.42 24.91 3.54
CA SER B 195 -23.01 25.71 2.47
C SER B 195 -22.16 25.73 1.21
N ARG B 196 -20.87 25.43 1.32
CA ARG B 196 -19.98 25.37 0.17
C ARG B 196 -19.60 23.93 -0.18
N GLY B 197 -20.33 22.97 0.36
CA GLY B 197 -20.12 21.58 0.00
C GLY B 197 -19.13 20.86 0.88
N TRP B 198 -18.53 21.54 1.85
CA TRP B 198 -17.44 21.00 2.64
C TRP B 198 -17.86 20.91 4.09
N TRP B 199 -16.97 20.29 4.87
CA TRP B 199 -17.22 20.14 6.30
C TRP B 199 -16.62 21.36 6.98
N GLY B 200 -17.37 22.46 6.95
CA GLY B 200 -16.88 23.76 7.41
C GLY B 200 -17.06 23.96 8.90
N ILE B 201 -16.00 24.42 9.57
CA ILE B 201 -16.00 24.74 10.98
C ILE B 201 -15.37 26.11 11.18
N THR B 202 -15.51 26.62 12.42
CA THR B 202 -14.84 27.83 12.84
C THR B 202 -13.85 27.47 13.91
N VAL B 203 -12.61 27.93 13.77
CA VAL B 203 -11.59 27.83 14.80
C VAL B 203 -11.56 29.18 15.50
N ASP B 204 -11.84 29.17 16.81
CA ASP B 204 -11.97 30.43 17.53
C ASP B 204 -10.62 31.10 17.81
N ARG B 205 -9.56 30.33 17.99
CA ARG B 205 -8.21 30.84 18.18
C ARG B 205 -7.26 29.67 18.07
N ALA B 206 -5.98 30.00 17.92
CA ALA B 206 -4.92 29.02 17.98
C ALA B 206 -3.87 29.53 18.96
N THR B 207 -3.34 28.61 19.75
CA THR B 207 -2.32 28.94 20.74
C THR B 207 -1.14 27.99 20.60
N VAL B 208 0.06 28.48 20.93
CA VAL B 208 1.25 27.66 21.04
C VAL B 208 1.81 27.92 22.43
N GLY B 209 1.83 26.90 23.27
CA GLY B 209 2.15 27.16 24.67
C GLY B 209 1.19 28.16 25.28
N THR B 210 1.74 29.18 25.92
CA THR B 210 0.93 30.16 26.63
C THR B 210 0.56 31.35 25.76
N SER B 211 0.93 31.36 24.49
CA SER B 211 0.71 32.52 23.63
C SER B 211 -0.34 32.25 22.58
N THR B 212 -1.18 33.24 22.31
CA THR B 212 -2.09 33.20 21.18
C THR B 212 -1.34 33.49 19.88
N VAL B 213 -1.54 32.66 18.87
CA VAL B 213 -0.92 32.88 17.56
C VAL B 213 -1.94 33.19 16.48
N ALA B 214 -3.23 33.07 16.76
CA ALA B 214 -4.24 33.43 15.77
C ALA B 214 -5.55 33.70 16.48
N SER B 215 -6.29 34.67 15.96
CA SER B 215 -7.69 34.84 16.33
C SER B 215 -8.54 33.92 15.45
N SER B 216 -9.83 34.25 15.31
N SER B 216 -9.82 34.24 15.31
CA SER B 216 -10.78 33.37 14.64
CA SER B 216 -10.73 33.26 14.71
C SER B 216 -10.45 33.19 13.16
C SER B 216 -10.52 33.19 13.20
N PHE B 217 -10.68 31.98 12.67
CA PHE B 217 -10.64 31.73 11.23
C PHE B 217 -11.52 30.54 10.94
N ASP B 218 -12.07 30.48 9.72
CA ASP B 218 -12.83 29.31 9.31
C ASP B 218 -11.91 28.27 8.67
N GLY B 219 -12.40 27.04 8.62
CA GLY B 219 -11.64 25.98 7.98
C GLY B 219 -12.57 24.87 7.55
N ILE B 220 -12.04 23.93 6.79
CA ILE B 220 -12.78 22.74 6.38
C ILE B 220 -12.03 21.49 6.84
N LEU B 221 -12.75 20.49 7.33
CA LEU B 221 -12.16 19.22 7.75
C LEU B 221 -11.99 18.35 6.50
N ASP B 222 -10.75 18.13 6.06
CA ASP B 222 -10.48 17.52 4.75
C ASP B 222 -9.49 16.37 4.84
N THR B 223 -10.03 15.17 4.86
CA THR B 223 -9.20 13.95 4.93
C THR B 223 -8.32 13.78 3.70
N GLY B 224 -8.69 14.42 2.60
CA GLY B 224 -7.96 14.31 1.35
C GLY B 224 -6.91 15.38 1.13
N THR B 225 -6.56 16.15 2.16
CA THR B 225 -5.44 17.10 2.13
C THR B 225 -4.37 16.60 3.10
N THR B 226 -3.10 16.63 2.67
CA THR B 226 -2.00 16.13 3.49
C THR B 226 -1.72 17.04 4.69
N LEU B 227 -1.52 18.34 4.45
CA LEU B 227 -1.04 19.26 5.48
C LEU B 227 -2.19 19.96 6.19
N LEU B 228 -1.85 20.68 7.24
CA LEU B 228 -2.72 21.69 7.82
C LEU B 228 -2.41 22.98 7.07
N ILE B 229 -3.27 23.36 6.13
CA ILE B 229 -3.06 24.55 5.31
C ILE B 229 -3.82 25.69 5.97
N LEU B 230 -3.12 26.76 6.30
CA LEU B 230 -3.70 27.85 7.04
C LEU B 230 -3.80 29.10 6.16
N PRO B 231 -4.74 30.02 6.43
CA PRO B 231 -4.68 31.32 5.77
C PRO B 231 -3.29 31.90 5.92
N ASN B 232 -2.86 32.65 4.91
CA ASN B 232 -1.46 33.09 4.85
C ASN B 232 -1.03 33.82 6.12
N ASN B 233 -1.89 34.69 6.67
CA ASN B 233 -1.46 35.42 7.87
C ASN B 233 -1.31 34.48 9.07
N VAL B 234 -2.24 33.53 9.22
CA VAL B 234 -2.17 32.55 10.31
C VAL B 234 -0.93 31.68 10.15
N ALA B 235 -0.68 31.21 8.92
CA ALA B 235 0.50 30.41 8.65
C ALA B 235 1.78 31.14 9.04
N ALA B 236 1.88 32.45 8.69
CA ALA B 236 3.09 33.19 9.03
C ALA B 236 3.28 33.30 10.53
N SER B 237 2.18 33.46 11.28
CA SER B 237 2.24 33.56 12.73
C SER B 237 2.64 32.23 13.35
N VAL B 238 2.05 31.14 12.88
CA VAL B 238 2.44 29.82 13.37
C VAL B 238 3.92 29.56 13.03
N ALA B 239 4.35 29.88 11.81
CA ALA B 239 5.76 29.71 11.45
C ALA B 239 6.67 30.47 12.40
N ARG B 240 6.35 31.73 12.70
CA ARG B 240 7.18 32.50 13.63
C ARG B 240 7.30 31.80 14.98
N ALA B 241 6.19 31.24 15.48
CA ALA B 241 6.18 30.58 16.79
C ALA B 241 7.10 29.35 16.82
N TYR B 242 7.31 28.70 15.68
CA TYR B 242 8.12 27.50 15.61
C TYR B 242 9.47 27.73 14.94
N GLY B 243 9.80 28.98 14.64
CA GLY B 243 11.07 29.31 13.98
C GLY B 243 11.20 28.74 12.58
N ALA B 244 10.08 28.55 11.89
CA ALA B 244 10.13 27.97 10.56
C ALA B 244 10.27 29.06 9.51
N SER B 245 10.92 28.73 8.39
N SER B 245 10.88 28.71 8.39
CA SER B 245 11.15 29.70 7.33
CA SER B 245 11.16 29.65 7.31
C SER B 245 10.35 29.34 6.08
C SER B 245 10.33 29.32 6.08
N ASP B 246 9.80 30.37 5.43
CA ASP B 246 8.92 30.20 4.29
C ASP B 246 9.74 29.77 3.06
N ASN B 247 9.38 28.63 2.47
CA ASN B 247 10.06 28.16 1.26
C ASN B 247 9.54 28.86 0.01
N GLY B 248 8.45 29.60 0.12
CA GLY B 248 7.88 30.33 -0.99
C GLY B 248 6.85 29.57 -1.80
N ASP B 249 6.63 28.28 -1.50
CA ASP B 249 5.80 27.40 -2.30
C ASP B 249 4.63 26.83 -1.52
N GLY B 250 4.25 27.48 -0.43
CA GLY B 250 3.21 27.00 0.45
C GLY B 250 3.71 26.12 1.57
N THR B 251 5.02 25.86 1.63
CA THR B 251 5.59 25.04 2.68
C THR B 251 6.64 25.83 3.45
N TYR B 252 7.00 25.29 4.62
CA TYR B 252 8.02 25.87 5.48
C TYR B 252 9.11 24.87 5.78
N THR B 253 10.35 25.35 5.93
CA THR B 253 11.41 24.54 6.53
C THR B 253 11.40 24.74 8.04
N ILE B 254 11.54 23.65 8.79
CA ILE B 254 11.45 23.67 10.24
C ILE B 254 12.54 22.75 10.77
N SER B 255 12.91 22.97 12.04
N SER B 255 12.91 22.97 12.04
N SER B 255 12.92 22.96 12.02
CA SER B 255 13.90 22.10 12.66
CA SER B 255 13.90 22.10 12.66
CA SER B 255 13.96 22.12 12.57
C SER B 255 13.37 20.67 12.70
C SER B 255 13.37 20.67 12.70
C SER B 255 13.42 20.69 12.77
N CYS B 256 14.26 19.70 12.44
CA CYS B 256 13.85 18.31 12.52
C CYS B 256 13.68 17.84 13.96
N ASP B 257 14.32 18.51 14.91
CA ASP B 257 14.21 18.17 16.32
C ASP B 257 13.00 18.92 16.86
N THR B 258 11.96 18.17 17.20
CA THR B 258 10.71 18.75 17.69
C THR B 258 10.61 18.78 19.21
N SER B 259 11.68 18.39 19.92
CA SER B 259 11.60 18.15 21.35
C SER B 259 11.36 19.40 22.16
N ARG B 260 11.48 20.59 21.59
CA ARG B 260 11.19 21.82 22.29
C ARG B 260 9.95 22.54 21.78
N PHE B 261 9.24 21.97 20.80
CA PHE B 261 8.02 22.57 20.31
C PHE B 261 6.85 22.18 21.21
N LYS B 262 6.00 23.15 21.54
CA LYS B 262 4.72 22.89 22.17
C LYS B 262 3.68 22.56 21.09
N PRO B 263 2.63 21.81 21.44
CA PRO B 263 1.60 21.51 20.45
C PRO B 263 0.95 22.78 19.92
N LEU B 264 0.44 22.67 18.70
CA LEU B 264 -0.36 23.74 18.12
C LEU B 264 -1.82 23.44 18.43
N VAL B 265 -2.46 24.29 19.22
CA VAL B 265 -3.76 23.98 19.80
C VAL B 265 -4.80 24.88 19.17
N PHE B 266 -5.83 24.26 18.61
CA PHE B 266 -6.99 24.94 18.08
C PHE B 266 -8.12 24.90 19.09
N SER B 267 -8.79 26.04 19.26
N SER B 267 -8.79 26.03 19.27
CA SER B 267 -10.00 26.12 20.07
CA SER B 267 -10.00 26.11 20.08
C SER B 267 -11.19 26.02 19.12
C SER B 267 -11.20 26.02 19.13
N ILE B 268 -11.97 24.95 19.26
CA ILE B 268 -13.10 24.67 18.38
C ILE B 268 -14.30 24.38 19.27
N ASN B 269 -15.32 25.23 19.17
CA ASN B 269 -16.55 25.10 19.97
C ASN B 269 -16.28 24.86 21.45
N GLY B 270 -15.32 25.59 22.01
CA GLY B 270 -15.08 25.56 23.44
C GLY B 270 -14.22 24.42 23.93
N ALA B 271 -13.53 23.71 23.04
CA ALA B 271 -12.66 22.62 23.44
C ALA B 271 -11.37 22.70 22.62
N SER B 272 -10.33 22.02 23.10
CA SER B 272 -9.01 22.12 22.51
C SER B 272 -8.68 20.88 21.70
N PHE B 273 -8.07 21.09 20.51
CA PHE B 273 -7.67 20.03 19.59
C PHE B 273 -6.33 20.41 19.00
N GLN B 274 -5.36 19.51 19.03
CA GLN B 274 -4.00 19.94 18.71
C GLN B 274 -3.37 19.14 17.58
N VAL B 275 -2.31 19.74 17.04
CA VAL B 275 -1.29 19.03 16.27
C VAL B 275 -0.15 18.77 17.24
N SER B 276 0.21 17.50 17.41
CA SER B 276 1.26 17.13 18.34
C SER B 276 2.62 17.59 17.81
N PRO B 277 3.61 17.77 18.70
CA PRO B 277 4.92 18.28 18.23
C PRO B 277 5.54 17.45 17.14
N ASP B 278 5.46 16.10 17.21
CA ASP B 278 6.05 15.25 16.17
C ASP B 278 5.42 15.54 14.82
N SER B 279 4.14 15.90 14.78
CA SER B 279 3.43 16.12 13.53
C SER B 279 3.71 17.51 12.96
N LEU B 280 4.45 18.37 13.69
CA LEU B 280 4.88 19.63 13.11
C LEU B 280 5.95 19.40 12.07
N VAL B 281 6.57 18.22 12.03
CA VAL B 281 7.43 17.82 10.92
C VAL B 281 6.64 16.85 10.05
N PHE B 282 6.51 17.19 8.78
CA PHE B 282 5.86 16.29 7.84
C PHE B 282 6.85 15.40 7.10
N GLU B 283 7.97 15.93 6.66
CA GLU B 283 8.87 15.21 5.76
C GLU B 283 10.30 15.60 6.08
N GLU B 284 11.22 14.64 5.93
CA GLU B 284 12.65 14.88 6.12
C GLU B 284 13.38 14.31 4.92
N TYR B 285 14.27 15.09 4.32
CA TYR B 285 15.07 14.63 3.18
C TYR B 285 16.43 15.29 3.24
N GLN B 286 17.49 14.49 3.22
CA GLN B 286 18.87 14.97 3.34
C GLN B 286 19.03 15.96 4.50
N GLY B 287 18.42 15.61 5.63
CA GLY B 287 18.56 16.35 6.86
C GLY B 287 17.78 17.64 6.95
N GLN B 288 16.91 17.92 5.99
CA GLN B 288 16.11 19.15 5.99
C GLN B 288 14.65 18.76 6.12
N CYS B 289 13.95 19.40 7.06
CA CYS B 289 12.58 19.03 7.37
C CYS B 289 11.59 20.08 6.88
N ILE B 290 10.46 19.59 6.37
CA ILE B 290 9.34 20.41 5.93
C ILE B 290 8.25 20.30 6.99
N ALA B 291 7.63 21.42 7.30
CA ALA B 291 6.64 21.50 8.37
C ALA B 291 5.31 20.85 7.98
N GLY B 292 4.54 20.47 9.01
CA GLY B 292 3.22 19.89 8.85
C GLY B 292 2.12 20.90 8.57
N PHE B 293 2.45 22.19 8.66
CA PHE B 293 1.53 23.25 8.34
C PHE B 293 2.07 24.01 7.14
N GLY B 294 1.18 24.60 6.37
CA GLY B 294 1.54 25.38 5.19
C GLY B 294 0.49 26.41 4.90
N TYR B 295 0.51 26.94 3.67
CA TYR B 295 -0.42 27.96 3.23
C TYR B 295 -0.70 27.74 1.76
N GLY B 296 -1.77 28.36 1.24
CA GLY B 296 -2.10 28.14 -0.16
C GLY B 296 -2.99 29.21 -0.75
N ASN B 297 -2.97 30.39 -0.14
CA ASN B 297 -3.73 31.55 -0.61
C ASN B 297 -5.23 31.37 -0.45
N PHE B 298 -5.64 30.60 0.54
CA PHE B 298 -7.04 30.38 0.86
C PHE B 298 -7.48 31.32 1.97
N ASP B 299 -8.77 31.65 1.96
CA ASP B 299 -9.35 32.49 3.00
C ASP B 299 -9.60 31.73 4.28
N PHE B 300 -9.68 30.42 4.16
CA PHE B 300 -10.00 29.51 5.24
C PHE B 300 -8.93 28.42 5.27
N ALA B 301 -8.83 27.77 6.41
CA ALA B 301 -7.89 26.67 6.56
C ALA B 301 -8.41 25.40 5.87
N ILE B 302 -7.48 24.62 5.31
N ILE B 302 -7.49 24.60 5.34
CA ILE B 302 -7.77 23.25 4.89
CA ILE B 302 -7.80 23.25 4.88
C ILE B 302 -7.17 22.40 6.00
C ILE B 302 -7.20 22.32 5.93
N ILE B 303 -8.04 21.86 6.85
CA ILE B 303 -7.60 21.15 8.03
C ILE B 303 -7.47 19.68 7.65
N GLY B 304 -6.27 19.34 7.19
CA GLY B 304 -6.00 18.06 6.58
C GLY B 304 -5.34 17.07 7.53
N ASP B 305 -4.60 16.14 6.93
CA ASP B 305 -4.15 14.97 7.68
C ASP B 305 -3.21 15.30 8.83
N THR B 306 -2.40 16.36 8.73
CA THR B 306 -1.58 16.73 9.87
C THR B 306 -2.41 16.85 11.13
N PHE B 307 -3.58 17.44 11.02
CA PHE B 307 -4.49 17.61 12.16
C PHE B 307 -5.29 16.35 12.42
N LEU B 308 -5.82 15.73 11.35
CA LEU B 308 -6.74 14.60 11.54
C LEU B 308 -6.05 13.36 12.11
N LYS B 309 -4.77 13.15 11.80
CA LYS B 309 -4.07 12.02 12.39
C LYS B 309 -3.79 12.24 13.88
N ASN B 310 -4.16 13.40 14.42
CA ASN B 310 -4.11 13.67 15.84
C ASN B 310 -5.49 13.80 16.47
N ASN B 311 -6.57 13.74 15.69
CA ASN B 311 -7.90 13.99 16.22
C ASN B 311 -8.89 13.11 15.50
N TYR B 312 -9.48 12.16 16.23
CA TYR B 312 -10.56 11.34 15.69
C TYR B 312 -11.77 12.22 15.41
N VAL B 313 -12.46 11.97 14.29
CA VAL B 313 -13.64 12.76 13.94
C VAL B 313 -14.77 11.82 13.53
N VAL B 314 -15.97 12.08 14.08
CA VAL B 314 -17.21 11.45 13.62
C VAL B 314 -17.93 12.47 12.76
N PHE B 315 -18.10 12.18 11.49
CA PHE B 315 -18.75 13.08 10.55
C PHE B 315 -20.24 12.72 10.46
N ASN B 316 -21.11 13.66 10.80
CA ASN B 316 -22.55 13.43 10.77
C ASN B 316 -23.16 14.24 9.65
N GLN B 317 -23.54 13.53 8.59
CA GLN B 317 -24.12 14.21 7.45
C GLN B 317 -25.57 14.60 7.74
N GLY B 318 -26.26 13.88 8.61
CA GLY B 318 -27.67 14.18 8.84
C GLY B 318 -27.92 15.56 9.43
N VAL B 319 -27.10 15.98 10.38
CA VAL B 319 -27.40 17.22 11.12
C VAL B 319 -27.24 18.49 10.29
N PRO B 320 -26.06 18.80 9.70
CA PRO B 320 -24.78 18.13 9.81
C PRO B 320 -23.98 18.71 10.96
N GLU B 321 -23.08 17.89 11.49
CA GLU B 321 -22.20 18.27 12.58
C GLU B 321 -21.04 17.28 12.58
N VAL B 322 -20.03 17.56 13.39
CA VAL B 322 -19.00 16.58 13.65
C VAL B 322 -18.84 16.43 15.15
N GLN B 323 -18.18 15.36 15.53
CA GLN B 323 -17.69 15.17 16.89
C GLN B 323 -16.21 14.90 16.81
N ILE B 324 -15.43 15.55 17.67
CA ILE B 324 -13.98 15.46 17.64
C ILE B 324 -13.45 15.08 19.00
N ALA B 325 -12.35 14.30 19.02
CA ALA B 325 -11.64 13.99 20.26
C ALA B 325 -10.20 13.70 19.92
N PRO B 326 -9.27 13.98 20.83
CA PRO B 326 -7.86 13.61 20.59
C PRO B 326 -7.72 12.13 20.28
N VAL B 327 -6.87 11.78 19.33
CA VAL B 327 -6.70 10.38 18.93
C VAL B 327 -5.99 9.59 20.03
N ALA B 328 -6.24 8.29 20.05
CA ALA B 328 -5.53 7.38 20.92
C ALA B 328 -4.15 7.09 20.34
N GLU B 329 -3.12 7.46 21.08
CA GLU B 329 -1.74 7.30 20.65
C GLU B 329 -0.87 7.47 21.87
CA ALA C 1 9.61 -6.68 -13.15
C ALA C 1 10.82 -6.75 -12.22
N CYS C 2 10.58 -7.06 -10.95
CA CYS C 2 11.64 -7.27 -9.99
C CYS C 2 12.35 -8.59 -10.23
N VAL C 3 13.64 -8.59 -9.92
CA VAL C 3 14.45 -9.80 -9.89
C VAL C 3 15.38 -9.68 -8.71
N LYS C 4 15.04 -10.37 -7.62
CA LYS C 4 15.81 -10.34 -6.37
C LYS C 4 15.86 -11.73 -5.76
CA ALA D 1 1.23 17.61 -0.35
C ALA D 1 -0.02 17.52 -1.23
N CYS D 2 -0.89 16.55 -0.96
CA CYS D 2 -2.14 16.49 -1.67
C CYS D 2 -3.08 17.55 -1.14
N VAL D 3 -3.93 18.06 -2.03
CA VAL D 3 -4.99 18.98 -1.68
C VAL D 3 -6.19 18.62 -2.55
N LYS D 4 -7.15 17.90 -1.97
CA LYS D 4 -8.31 17.41 -2.71
C LYS D 4 -9.53 17.66 -1.85
NA NA E . -11.55 6.08 24.33
C1 CHX F . 11.42 -3.49 -5.86
C2 CHX F . 10.10 -2.94 -6.39
C3 CHX F . 10.19 -2.49 -7.83
C4 CHX F . 10.90 -3.48 -8.75
C5 CHX F . 11.45 -4.76 -8.10
C6 CHX F . 12.03 -4.60 -6.69
C1 CHX G . -3.25 12.17 -5.10
C2 CHX G . -2.15 11.19 -4.66
C3 CHX G . -0.78 11.80 -4.38
C4 CHX G . -0.75 13.33 -4.40
C5 CHX G . -1.97 13.99 -3.76
C6 CHX G . -3.29 13.50 -4.35
#